data_6FL8
#
_entry.id   6FL8
#
_cell.length_a   59.990
_cell.length_b   61.450
_cell.length_c   83.430
_cell.angle_alpha   89.55
_cell.angle_beta   88.00
_cell.angle_gamma   62.08
#
_symmetry.space_group_name_H-M   'P 1'
#
loop_
_entity.id
_entity.type
_entity.pdbx_description
1 polymer 'Inositol-pentakisphosphate 2-kinase'
2 non-polymer 2,3,4,6-tetrahydroxy-5H-benzo[7]annulen-5-one
3 non-polymer "ADENOSINE-5'-DIPHOSPHATE"
4 non-polymer 'MAGNESIUM ION'
5 non-polymer 'ZINC ION'
6 non-polymer 1,2-ETHANEDIOL
7 non-polymer 2-AMINO-2-HYDROXYMETHYL-PROPANE-1,3-DIOL
8 water water
#
_entity_poly.entity_id   1
_entity_poly.type   'polypeptide(L)'
_entity_poly.pdbx_seq_one_letter_code
;MAHHHHHHSSGLEVLFQGPMEMILEEKDASDWIYRGEGGANLVLAYAGSSPLFVGKVIRIQKARRNDKAIKNSNGVVSVL
TSDEQHLWRENNELISSPNKEVLEQRYVQNVIIPLLGPKHVDAGVRVSVSKEFLECVDKKVTKQRPLWRVNAANVDTSHD
SALILNDHSLFSQGITSGGDCISVEIKPKCGFLPTSRFIGKENMLKTSVSRFKMHQLLKLEYIEISEESEYDPLDLFSGS
KERVLEAIKALYSTPQNNFRVFLNGSLILGGSGESTGRTSPEIGYAFEDALKGFIQSEDGHRTECFLQLVSDAVYGSGVL
DRLLEIQKLDKLDIEGAIHCYYDIINQPCPICKEGRPLEAELSLHALPLDESLKIVKEYLIAATAKDCSIMISFQSRNAW
DSEPSGDYVSLKPTNQTFDYKVHFIDLSLKPLKRMESYYKLDKKIISFYNRKQKAENTAEQIGNSKPSHS
;
_entity_poly.pdbx_strand_id   A,B
#
loop_
_chem_comp.id
_chem_comp.type
_chem_comp.name
_chem_comp.formula
ADP non-polymer ADENOSINE-5'-DIPHOSPHATE 'C10 H15 N5 O10 P2'
EDO non-polymer 1,2-ETHANEDIOL 'C2 H6 O2'
MG non-polymer 'MAGNESIUM ION' 'Mg 2'
TIY non-polymer 2,3,4,6-tetrahydroxy-5H-benzo[7]annulen-5-one 'C11 H8 O5'
TRS non-polymer 2-AMINO-2-HYDROXYMETHYL-PROPANE-1,3-DIOL 'C4 H12 N O3 1'
ZN non-polymer 'ZINC ION' 'Zn 2'
#
# COMPACT_ATOMS: atom_id res chain seq x y z
N GLU A 13 48.46 -2.12 45.91
CA GLU A 13 47.43 -1.12 45.62
C GLU A 13 48.07 0.23 45.20
N VAL A 14 47.61 0.72 44.04
CA VAL A 14 48.10 1.92 43.37
C VAL A 14 46.91 2.85 43.17
N LEU A 15 47.20 4.14 42.94
CA LEU A 15 46.16 5.14 42.71
C LEU A 15 45.97 5.34 41.21
N PHE A 16 44.72 5.23 40.75
CA PHE A 16 44.35 5.41 39.35
C PHE A 16 43.58 6.71 39.16
N GLN A 17 43.68 7.26 37.96
CA GLN A 17 42.88 8.42 37.59
C GLN A 17 41.39 8.06 37.65
N GLY A 18 40.57 9.07 37.89
CA GLY A 18 39.13 8.89 37.91
C GLY A 18 38.60 8.73 36.51
N PRO A 19 37.39 8.17 36.36
CA PRO A 19 36.88 7.88 35.01
C PRO A 19 36.77 9.15 34.18
N MET A 20 37.12 9.03 32.90
CA MET A 20 37.04 10.14 31.97
C MET A 20 36.73 9.60 30.58
N GLU A 21 36.06 10.43 29.78
CA GLU A 21 35.73 10.06 28.40
C GLU A 21 36.96 10.11 27.52
N MET A 22 37.09 9.13 26.63
CA MET A 22 38.21 9.07 25.71
C MET A 22 38.13 10.19 24.67
N ILE A 23 39.25 10.87 24.46
CA ILE A 23 39.43 11.84 23.38
C ILE A 23 40.53 11.32 22.46
N LEU A 24 40.26 11.27 21.15
CA LEU A 24 41.26 10.88 20.15
C LEU A 24 42.08 12.09 19.71
N GLU A 25 43.40 11.91 19.64
CA GLU A 25 44.33 13.00 19.35
C GLU A 25 45.15 12.66 18.10
N GLU A 26 46.07 13.57 17.75
CA GLU A 26 46.83 13.44 16.51
C GLU A 26 47.45 12.06 16.37
N LYS A 27 47.98 11.52 17.47
CA LYS A 27 48.60 10.19 17.42
C LYS A 27 47.65 9.17 16.80
N ASP A 28 46.40 9.19 17.23
CA ASP A 28 45.48 8.12 16.87
C ASP A 28 44.95 8.25 15.45
N ALA A 29 45.13 9.40 14.81
CA ALA A 29 44.67 9.57 13.43
C ALA A 29 45.27 8.51 12.52
N SER A 30 46.59 8.28 12.62
CA SER A 30 47.24 7.37 11.70
C SER A 30 46.74 5.94 11.84
N ASP A 31 46.02 5.62 12.91
CA ASP A 31 45.50 4.27 13.10
C ASP A 31 44.24 4.00 12.27
N TRP A 32 43.80 4.93 11.42
CA TRP A 32 42.61 4.75 10.60
C TRP A 32 42.94 5.01 9.14
N ILE A 33 42.19 4.34 8.25
CA ILE A 33 42.44 4.40 6.81
C ILE A 33 41.10 4.48 6.08
N TYR A 34 41.10 5.20 4.97
CA TYR A 34 39.89 5.44 4.19
C TYR A 34 39.17 4.14 3.84
N ARG A 35 37.86 4.12 4.09
CA ARG A 35 36.98 3.05 3.65
C ARG A 35 35.96 3.53 2.63
N GLY A 36 35.27 4.63 2.89
CA GLY A 36 34.32 5.14 1.92
C GLY A 36 33.58 6.35 2.46
N GLU A 37 32.58 6.79 1.68
CA GLU A 37 31.79 7.96 2.05
C GLU A 37 30.54 8.01 1.20
N GLY A 38 29.50 8.62 1.76
CA GLY A 38 28.31 8.98 1.01
C GLY A 38 28.13 10.49 1.00
N GLY A 39 26.88 10.95 1.02
CA GLY A 39 26.63 12.38 1.01
C GLY A 39 26.90 13.08 2.33
N ALA A 40 26.79 12.38 3.47
CA ALA A 40 26.90 13.05 4.76
C ALA A 40 28.14 12.70 5.59
N ASN A 41 28.69 11.48 5.45
CA ASN A 41 29.69 10.98 6.37
C ASN A 41 30.87 10.35 5.63
N LEU A 42 32.05 10.50 6.24
CA LEU A 42 33.25 9.75 5.88
C LEU A 42 33.42 8.59 6.84
N VAL A 43 33.93 7.46 6.34
CA VAL A 43 34.07 6.25 7.14
C VAL A 43 35.49 5.72 6.99
N LEU A 44 36.12 5.37 8.12
CA LEU A 44 37.50 4.90 8.17
C LEU A 44 37.56 3.59 8.97
N ALA A 45 38.41 2.66 8.52
CA ALA A 45 38.62 1.39 9.19
C ALA A 45 39.88 1.44 10.04
N TYR A 46 39.88 0.66 11.13
CA TYR A 46 40.97 0.70 12.10
C TYR A 46 42.09 -0.23 11.64
N ALA A 47 43.28 0.32 11.38
CA ALA A 47 44.44 -0.46 10.98
C ALA A 47 45.49 -0.53 12.07
N GLY A 48 45.07 -0.37 13.33
CA GLY A 48 45.97 -0.32 14.45
C GLY A 48 46.02 -1.65 15.22
N SER A 49 46.60 -1.59 16.41
CA SER A 49 46.88 -2.78 17.21
C SER A 49 46.22 -2.74 18.59
N SER A 50 45.26 -1.84 18.80
CA SER A 50 44.55 -1.81 20.08
C SER A 50 43.38 -2.80 20.07
N PRO A 51 43.12 -3.49 21.19
CA PRO A 51 41.96 -4.40 21.22
C PRO A 51 40.63 -3.68 21.27
N LEU A 52 40.59 -2.44 21.80
CA LEU A 52 39.37 -1.65 21.78
C LEU A 52 38.80 -1.52 20.38
N PHE A 53 39.67 -1.29 19.38
CA PHE A 53 39.23 -0.87 18.06
C PHE A 53 39.38 -1.93 17.00
N VAL A 54 39.99 -3.07 17.30
CA VAL A 54 40.18 -4.09 16.28
C VAL A 54 38.82 -4.47 15.71
N GLY A 55 38.72 -4.47 14.38
CA GLY A 55 37.44 -4.77 13.75
C GLY A 55 36.36 -3.73 13.96
N LYS A 56 36.72 -2.45 14.11
CA LYS A 56 35.78 -1.33 14.16
C LYS A 56 36.01 -0.39 12.97
N VAL A 57 35.03 0.49 12.75
CA VAL A 57 35.19 1.67 11.89
C VAL A 57 34.75 2.89 12.68
N ILE A 58 35.11 4.06 12.17
CA ILE A 58 34.68 5.35 12.73
C ILE A 58 34.01 6.18 11.65
N ARG A 59 32.89 6.82 12.03
CA ARG A 59 32.01 7.59 11.13
C ARG A 59 32.14 9.06 11.49
N ILE A 60 32.66 9.86 10.57
CA ILE A 60 32.99 11.27 10.78
C ILE A 60 32.14 12.14 9.86
N GLN A 61 31.59 13.22 10.41
CA GLN A 61 30.67 14.08 9.68
C GLN A 61 31.40 15.01 8.73
N LYS A 62 30.86 15.12 7.52
CA LYS A 62 31.37 16.05 6.52
C LYS A 62 30.66 17.40 6.64
N ALA A 63 31.35 18.44 6.18
CA ALA A 63 30.79 19.78 6.09
C ALA A 63 30.55 20.11 4.63
N ARG A 64 29.32 20.48 4.30
CA ARG A 64 29.01 21.02 2.97
C ARG A 64 29.46 22.48 2.94
N ARG A 65 30.50 22.75 2.16
CA ARG A 65 31.16 24.05 2.12
C ARG A 65 30.18 25.21 1.93
N LYS A 71 20.65 27.18 12.89
CA LYS A 71 20.73 27.98 14.11
C LYS A 71 19.41 28.66 14.47
N ASN A 72 19.18 28.88 15.76
CA ASN A 72 17.92 29.35 16.31
C ASN A 72 17.93 30.88 16.45
N SER A 73 17.03 31.42 17.28
CA SER A 73 16.85 32.87 17.46
C SER A 73 17.77 33.47 18.52
N ASN A 74 19.02 32.99 18.62
CA ASN A 74 20.01 33.58 19.52
C ASN A 74 21.38 33.73 18.89
N GLY A 75 21.58 33.24 17.67
CA GLY A 75 22.90 33.12 17.08
C GLY A 75 23.59 31.81 17.40
N VAL A 76 23.16 31.11 18.44
CA VAL A 76 23.73 29.80 18.77
C VAL A 76 23.26 28.77 17.76
N VAL A 77 24.20 27.93 17.29
CA VAL A 77 23.82 26.89 16.35
C VAL A 77 22.74 26.00 16.97
N SER A 78 21.98 25.35 16.09
CA SER A 78 20.79 24.59 16.49
C SER A 78 20.88 23.18 15.93
N VAL A 79 20.63 22.19 16.80
CA VAL A 79 20.70 20.79 16.38
C VAL A 79 19.46 20.40 15.58
N LEU A 80 18.28 20.68 16.13
CA LEU A 80 17.00 20.46 15.46
C LEU A 80 16.28 21.81 15.38
N THR A 81 15.59 22.04 14.27
CA THR A 81 14.76 23.24 14.18
C THR A 81 13.54 23.10 15.09
N SER A 82 12.87 24.23 15.34
CA SER A 82 11.67 24.21 16.17
C SER A 82 10.64 23.26 15.62
N ASP A 83 10.39 23.34 14.29
CA ASP A 83 9.45 22.42 13.66
C ASP A 83 9.89 20.98 13.85
N GLU A 84 11.20 20.72 13.87
CA GLU A 84 11.67 19.34 14.03
C GLU A 84 11.50 18.85 15.48
N GLN A 85 11.79 19.72 16.46
CA GLN A 85 11.52 19.37 17.85
C GLN A 85 10.07 18.94 18.04
N HIS A 86 9.13 19.62 17.38
CA HIS A 86 7.73 19.28 17.55
C HIS A 86 7.36 18.01 16.80
N LEU A 87 7.91 17.83 15.59
CA LEU A 87 7.62 16.63 14.80
C LEU A 87 8.02 15.37 15.55
N TRP A 88 9.17 15.39 16.22
CA TRP A 88 9.72 14.22 16.88
C TRP A 88 9.49 14.19 18.40
N ARG A 89 8.61 15.08 18.93
CA ARG A 89 8.48 15.28 20.38
C ARG A 89 8.08 14.02 21.15
N GLU A 90 7.54 13.01 20.47
CA GLU A 90 7.17 11.75 21.10
C GLU A 90 8.29 11.18 22.00
N ASN A 91 9.56 11.41 21.65
CA ASN A 91 10.68 10.96 22.49
C ASN A 91 11.43 12.19 23.01
N ASN A 92 11.34 12.43 24.32
CA ASN A 92 11.94 13.63 24.89
C ASN A 92 13.45 13.60 24.80
N GLU A 93 14.07 12.42 24.96
CA GLU A 93 15.52 12.35 24.84
C GLU A 93 15.97 12.69 23.42
N LEU A 94 15.26 12.19 22.42
CA LEU A 94 15.62 12.45 21.03
C LEU A 94 15.73 13.94 20.76
N ILE A 95 14.69 14.72 21.10
CA ILE A 95 14.72 16.14 20.74
C ILE A 95 15.59 16.94 21.68
N SER A 96 16.14 16.32 22.73
CA SER A 96 17.10 16.97 23.62
C SER A 96 18.55 16.71 23.21
N SER A 97 18.78 16.09 22.05
CA SER A 97 20.13 15.69 21.65
C SER A 97 21.03 16.90 21.47
N PRO A 98 22.20 16.94 22.11
CA PRO A 98 23.09 18.10 21.99
C PRO A 98 23.83 18.21 20.66
N ASN A 99 24.25 17.09 20.08
CA ASN A 99 24.95 17.09 18.80
C ASN A 99 24.40 15.97 17.92
N LYS A 100 24.79 15.98 16.64
CA LYS A 100 24.25 15.02 15.67
C LYS A 100 24.61 13.58 16.01
N GLU A 101 25.71 13.34 16.73
CA GLU A 101 26.09 11.98 17.09
C GLU A 101 25.10 11.38 18.07
N VAL A 102 24.68 12.16 19.08
CA VAL A 102 23.71 11.68 20.06
C VAL A 102 22.33 11.55 19.40
N LEU A 103 21.98 12.48 18.52
CA LEU A 103 20.72 12.39 17.79
C LEU A 103 20.62 11.08 17.03
N GLU A 104 21.69 10.72 16.31
CA GLU A 104 21.68 9.49 15.52
C GLU A 104 21.60 8.24 16.39
N GLN A 105 22.38 8.19 17.47
CA GLN A 105 22.23 7.08 18.43
C GLN A 105 20.79 6.97 18.88
N ARG A 106 20.18 8.12 19.23
CA ARG A 106 18.86 8.10 19.84
C ARG A 106 17.78 7.80 18.82
N TYR A 107 17.89 8.35 17.60
CA TYR A 107 17.00 7.94 16.52
C TYR A 107 17.01 6.43 16.31
N VAL A 108 18.19 5.84 16.12
CA VAL A 108 18.25 4.39 15.93
C VAL A 108 17.72 3.67 17.15
N GLN A 109 18.13 4.09 18.35
CA GLN A 109 17.73 3.33 19.53
C GLN A 109 16.24 3.44 19.80
N ASN A 110 15.67 4.65 19.65
CA ASN A 110 14.31 4.88 20.13
C ASN A 110 13.24 4.90 19.04
N VAL A 111 13.59 5.11 17.77
CA VAL A 111 12.63 5.08 16.66
C VAL A 111 12.76 3.82 15.81
N ILE A 112 13.98 3.51 15.35
CA ILE A 112 14.17 2.49 14.32
C ILE A 112 14.12 1.07 14.92
N ILE A 113 14.87 0.84 16.00
CA ILE A 113 15.00 -0.52 16.53
C ILE A 113 13.66 -1.07 17.01
N PRO A 114 12.74 -0.24 17.51
CA PRO A 114 11.40 -0.77 17.81
C PRO A 114 10.67 -1.29 16.59
N LEU A 115 11.03 -0.81 15.40
CA LEU A 115 10.38 -1.21 14.16
C LEU A 115 11.10 -2.34 13.43
N LEU A 116 12.45 -2.35 13.44
CA LEU A 116 13.20 -3.40 12.76
C LEU A 116 13.58 -4.56 13.67
N GLY A 117 13.81 -4.30 14.96
CA GLY A 117 14.40 -5.27 15.85
C GLY A 117 15.87 -4.98 16.08
N PRO A 118 16.45 -5.52 17.15
CA PRO A 118 17.86 -5.25 17.45
C PRO A 118 18.86 -6.27 16.92
N LYS A 119 18.43 -7.36 16.30
CA LYS A 119 19.39 -8.38 15.86
C LYS A 119 20.28 -7.87 14.73
N HIS A 120 19.70 -7.20 13.74
CA HIS A 120 20.44 -6.73 12.58
C HIS A 120 20.83 -5.26 12.70
N VAL A 121 20.69 -4.69 13.90
CA VAL A 121 21.04 -3.29 14.15
C VAL A 121 21.79 -3.22 15.46
N ASP A 122 22.94 -2.55 15.48
CA ASP A 122 23.61 -2.25 16.74
C ASP A 122 24.20 -0.85 16.58
N ALA A 123 23.51 0.15 17.12
CA ALA A 123 23.95 1.53 17.07
C ALA A 123 25.41 1.62 17.51
N GLY A 124 25.98 2.80 17.38
CA GLY A 124 27.38 2.98 17.66
C GLY A 124 27.63 3.38 19.09
N VAL A 125 28.91 3.59 19.38
CA VAL A 125 29.37 4.15 20.64
C VAL A 125 30.04 5.48 20.33
N ARG A 126 29.64 6.52 21.05
CA ARG A 126 30.18 7.85 20.84
C ARG A 126 31.63 7.92 21.31
N VAL A 127 32.40 8.83 20.72
CA VAL A 127 33.76 9.12 21.16
C VAL A 127 34.07 10.58 20.83
N SER A 128 34.90 11.20 21.66
CA SER A 128 35.33 12.58 21.44
C SER A 128 36.58 12.62 20.58
N VAL A 129 36.76 13.71 19.86
CA VAL A 129 37.94 13.88 19.01
C VAL A 129 38.38 15.33 19.05
N SER A 130 39.68 15.55 18.89
CA SER A 130 40.25 16.88 18.86
C SER A 130 40.29 17.43 17.44
N LYS A 131 40.62 18.72 17.34
CA LYS A 131 40.70 19.39 16.05
C LYS A 131 41.88 18.88 15.22
N GLU A 132 43.03 18.64 15.85
CA GLU A 132 44.17 18.13 15.10
C GLU A 132 43.91 16.73 14.58
N PHE A 133 43.09 15.93 15.28
CA PHE A 133 42.72 14.61 14.80
C PHE A 133 41.92 14.71 13.51
N LEU A 134 40.95 15.63 13.46
CA LEU A 134 40.14 15.83 12.27
C LEU A 134 40.90 16.54 11.17
N GLU A 135 41.96 17.28 11.50
CA GLU A 135 42.81 17.83 10.44
C GLU A 135 43.71 16.75 9.86
N CYS A 136 44.23 15.86 10.70
CA CYS A 136 44.99 14.72 10.20
C CYS A 136 44.13 13.87 9.27
N VAL A 137 42.94 13.48 9.73
CA VAL A 137 42.08 12.61 8.94
C VAL A 137 41.72 13.26 7.61
N ASP A 138 41.50 14.58 7.62
CA ASP A 138 41.16 15.25 6.37
C ASP A 138 42.32 15.20 5.37
N LYS A 139 43.52 15.53 5.82
CA LYS A 139 44.68 15.47 4.92
C LYS A 139 44.98 14.04 4.50
N LYS A 140 44.87 13.10 5.45
CA LYS A 140 45.12 11.70 5.16
C LYS A 140 44.27 11.20 4.00
N VAL A 141 42.96 11.47 4.02
CA VAL A 141 42.06 10.82 3.08
C VAL A 141 41.91 11.54 1.74
N THR A 142 42.23 12.84 1.66
CA THR A 142 41.93 13.58 0.43
C THR A 142 42.47 12.87 -0.81
N LYS A 143 43.57 12.13 -0.68
CA LYS A 143 44.18 11.49 -1.85
C LYS A 143 43.34 10.33 -2.39
N GLN A 144 42.52 9.68 -1.54
CA GLN A 144 41.81 8.48 -1.94
C GLN A 144 40.32 8.70 -2.20
N ARG A 145 39.82 9.94 -2.05
CA ARG A 145 38.43 10.35 -2.25
C ARG A 145 38.14 10.67 -3.71
N PRO A 146 36.92 10.40 -4.15
CA PRO A 146 36.53 10.83 -5.51
C PRO A 146 36.61 12.34 -5.63
N LEU A 147 37.00 12.79 -6.82
CA LEU A 147 37.31 14.21 -7.02
C LEU A 147 36.07 15.10 -6.84
N TRP A 148 34.92 14.69 -7.37
CA TRP A 148 33.71 15.51 -7.19
C TRP A 148 33.20 15.49 -5.75
N ARG A 149 33.66 14.55 -4.92
CA ARG A 149 33.41 14.59 -3.48
C ARG A 149 34.26 15.67 -2.80
N VAL A 150 35.54 15.73 -3.14
CA VAL A 150 36.41 16.75 -2.56
C VAL A 150 35.99 18.14 -3.00
N ASN A 151 35.40 18.24 -4.20
CA ASN A 151 34.87 19.54 -4.64
C ASN A 151 33.75 20.01 -3.73
N ALA A 152 32.88 19.10 -3.28
CA ALA A 152 31.64 19.49 -2.60
C ALA A 152 31.73 19.48 -1.08
N ALA A 153 32.61 18.68 -0.47
CA ALA A 153 32.65 18.61 0.99
C ALA A 153 33.95 17.98 1.48
N ASN A 154 34.36 18.40 2.68
CA ASN A 154 35.48 17.81 3.43
C ASN A 154 35.04 17.57 4.88
N VAL A 155 35.97 17.09 5.71
CA VAL A 155 35.61 16.81 7.11
C VAL A 155 35.21 18.10 7.82
N ASP A 156 34.16 18.01 8.63
CA ASP A 156 33.77 19.12 9.51
C ASP A 156 34.65 19.08 10.74
N THR A 157 35.70 19.91 10.75
CA THR A 157 36.70 19.94 11.82
C THR A 157 36.32 20.85 12.98
N SER A 158 35.14 21.47 12.96
CA SER A 158 34.63 22.21 14.10
C SER A 158 33.73 21.34 14.98
N HIS A 159 33.75 20.03 14.79
CA HIS A 159 32.96 19.11 15.59
C HIS A 159 33.89 18.39 16.56
N ASP A 160 33.30 17.81 17.60
CA ASP A 160 34.08 17.24 18.70
C ASP A 160 33.70 15.80 19.03
N SER A 161 32.83 15.18 18.23
CA SER A 161 32.38 13.82 18.46
C SER A 161 32.40 13.03 17.15
N ALA A 162 32.49 11.70 17.28
CA ALA A 162 32.35 10.77 16.17
C ALA A 162 31.71 9.49 16.71
N LEU A 163 31.26 8.62 15.79
CA LEU A 163 30.64 7.35 16.16
C LEU A 163 31.57 6.20 15.83
N ILE A 164 31.73 5.27 16.77
CA ILE A 164 32.44 4.01 16.53
C ILE A 164 31.41 2.92 16.31
N LEU A 165 31.66 2.08 15.30
CA LEU A 165 30.76 1.00 14.95
C LEU A 165 31.58 -0.25 14.63
N ASN A 166 30.94 -1.41 14.76
CA ASN A 166 31.54 -2.66 14.29
C ASN A 166 31.73 -2.64 12.78
N ASP A 167 32.85 -3.19 12.30
CA ASP A 167 33.18 -3.25 10.87
C ASP A 167 32.48 -4.45 10.27
N HIS A 168 31.36 -4.20 9.59
CA HIS A 168 30.50 -5.27 9.11
C HIS A 168 30.98 -5.92 7.83
N SER A 169 32.16 -5.55 7.33
CA SER A 169 32.78 -6.32 6.27
C SER A 169 33.68 -7.42 6.83
N LEU A 170 33.75 -7.55 8.15
CA LEU A 170 34.52 -8.58 8.84
C LEU A 170 33.58 -9.48 9.61
N PHE A 171 33.75 -10.79 9.47
CA PHE A 171 32.89 -11.71 10.19
C PHE A 171 33.32 -11.83 11.65
N SER A 172 34.63 -11.86 11.90
CA SER A 172 35.20 -12.01 13.24
C SER A 172 35.83 -10.69 13.66
N GLN A 173 35.42 -10.19 14.83
CA GLN A 173 35.86 -8.89 15.32
C GLN A 173 37.37 -8.71 15.16
N SER A 177 44.19 -14.20 9.95
CA SER A 177 43.57 -15.35 10.59
C SER A 177 44.01 -16.67 9.94
N GLY A 178 43.06 -17.32 9.28
CA GLY A 178 43.34 -18.57 8.58
C GLY A 178 42.40 -18.80 7.40
N GLY A 179 41.83 -17.72 6.89
CA GLY A 179 40.87 -17.79 5.79
C GLY A 179 40.28 -16.43 5.51
N ASP A 180 40.02 -16.13 4.24
CA ASP A 180 39.55 -14.81 3.85
C ASP A 180 38.11 -14.58 4.33
N CYS A 181 37.79 -13.31 4.57
CA CYS A 181 36.42 -12.88 4.83
C CYS A 181 35.92 -12.11 3.62
N ILE A 182 34.86 -12.61 2.99
CA ILE A 182 34.23 -11.95 1.85
C ILE A 182 32.85 -11.44 2.26
N SER A 183 32.54 -10.21 1.86
CA SER A 183 31.29 -9.56 2.25
C SER A 183 30.77 -8.68 1.12
N VAL A 184 29.46 -8.45 1.13
CA VAL A 184 28.80 -7.66 0.09
C VAL A 184 27.94 -6.57 0.74
N GLU A 185 27.81 -5.46 0.05
CA GLU A 185 26.90 -4.38 0.44
C GLU A 185 25.88 -4.17 -0.68
N ILE A 186 24.61 -4.09 -0.31
CA ILE A 186 23.51 -3.88 -1.26
C ILE A 186 22.72 -2.67 -0.77
N LYS A 187 22.59 -1.64 -1.64
CA LYS A 187 21.69 -0.51 -1.37
C LYS A 187 20.42 -0.78 -2.14
N PRO A 188 19.35 -1.28 -1.50
CA PRO A 188 18.26 -1.92 -2.27
C PRO A 188 17.22 -0.98 -2.87
N LYS A 189 17.09 0.27 -2.37
CA LYS A 189 16.11 1.24 -2.84
C LYS A 189 14.69 0.80 -2.55
N CYS A 190 13.71 1.52 -3.08
CA CYS A 190 12.31 1.32 -2.69
C CYS A 190 11.71 0.17 -3.45
N GLY A 191 11.12 -0.78 -2.72
CA GLY A 191 10.67 -2.03 -3.29
C GLY A 191 9.18 -2.22 -3.47
N PHE A 192 8.41 -1.12 -3.59
CA PHE A 192 6.97 -1.24 -3.83
C PHE A 192 6.47 -0.13 -4.75
N LEU A 193 5.22 -0.36 -5.33
CA LEU A 193 4.63 0.67 -6.18
C LEU A 193 3.51 1.40 -5.44
N PRO A 194 3.41 2.73 -5.60
CA PRO A 194 2.41 3.48 -4.84
C PRO A 194 0.99 3.25 -5.35
N THR A 195 0.04 3.36 -4.42
CA THR A 195 -1.38 3.20 -4.71
C THR A 195 -2.19 4.43 -4.34
N SER A 196 -1.55 5.56 -4.07
CA SER A 196 -2.23 6.74 -3.53
C SER A 196 -3.33 7.27 -4.45
N ARG A 197 -4.46 7.63 -3.83
CA ARG A 197 -5.51 8.41 -4.50
C ARG A 197 -5.05 9.80 -4.88
N PHE A 198 -3.95 10.29 -4.31
CA PHE A 198 -3.46 11.64 -4.57
C PHE A 198 -2.51 11.73 -5.77
N ILE A 199 -2.18 10.62 -6.40
CA ILE A 199 -1.41 10.64 -7.64
C ILE A 199 -2.34 11.06 -8.78
N GLY A 200 -1.98 12.15 -9.48
CA GLY A 200 -2.83 12.69 -10.51
C GLY A 200 -2.89 11.82 -11.77
N LYS A 201 -3.96 12.06 -12.55
CA LYS A 201 -4.22 11.25 -13.75
C LYS A 201 -3.06 11.29 -14.73
N GLU A 202 -2.47 12.46 -14.94
CA GLU A 202 -1.32 12.59 -15.84
C GLU A 202 -0.13 11.74 -15.40
N ASN A 203 -0.04 11.38 -14.12
CA ASN A 203 1.14 10.74 -13.54
C ASN A 203 0.94 9.24 -13.29
N MET A 204 -0.02 8.62 -13.98
CA MET A 204 -0.39 7.25 -13.65
C MET A 204 0.72 6.21 -13.87
N LEU A 205 1.79 6.55 -14.60
CA LEU A 205 2.84 5.54 -14.74
C LEU A 205 3.54 5.24 -13.42
N LYS A 206 3.40 6.12 -12.43
CA LYS A 206 3.99 5.87 -11.12
C LYS A 206 3.39 4.63 -10.45
N THR A 207 2.20 4.22 -10.88
CA THR A 207 1.53 3.04 -10.33
C THR A 207 1.94 1.73 -11.01
N SER A 208 2.78 1.76 -12.03
CA SER A 208 3.16 0.53 -12.68
C SER A 208 4.65 0.42 -13.00
N VAL A 209 5.41 1.50 -12.95
CA VAL A 209 6.86 1.46 -13.12
C VAL A 209 7.50 1.87 -11.79
N SER A 210 8.55 1.17 -11.39
CA SER A 210 9.16 1.55 -10.11
C SER A 210 9.88 2.89 -10.23
N ARG A 211 9.92 3.61 -9.11
CA ARG A 211 10.71 4.84 -9.03
C ARG A 211 12.15 4.61 -9.48
N PHE A 212 12.75 3.48 -9.10
CA PHE A 212 14.14 3.22 -9.46
C PHE A 212 14.32 3.18 -10.98
N LYS A 213 13.40 2.54 -11.70
CA LYS A 213 13.54 2.41 -13.15
C LYS A 213 13.39 3.77 -13.84
N MET A 214 12.36 4.54 -13.44
CA MET A 214 12.19 5.88 -13.99
C MET A 214 13.38 6.77 -13.67
N HIS A 215 13.92 6.67 -12.46
CA HIS A 215 15.04 7.52 -12.05
C HIS A 215 16.26 7.30 -12.93
N GLN A 216 16.57 6.04 -13.25
CA GLN A 216 17.66 5.74 -14.20
C GLN A 216 17.68 6.66 -15.43
N LEU A 217 16.52 6.91 -16.05
CA LEU A 217 16.50 7.78 -17.23
C LEU A 217 17.03 9.18 -16.91
N LEU A 218 16.63 9.71 -15.76
CA LEU A 218 17.08 11.06 -15.40
C LEU A 218 18.56 11.07 -15.07
N LYS A 219 19.05 10.01 -14.42
CA LYS A 219 20.48 9.87 -14.13
C LYS A 219 21.32 9.84 -15.42
N LEU A 220 20.82 9.18 -16.46
CA LEU A 220 21.53 9.17 -17.74
C LEU A 220 21.56 10.56 -18.36
N GLU A 221 20.44 11.27 -18.29
CA GLU A 221 20.36 12.63 -18.81
C GLU A 221 21.45 13.53 -18.20
N TYR A 222 21.74 13.35 -16.89
CA TYR A 222 22.73 14.15 -16.17
C TYR A 222 24.11 13.52 -16.13
N ILE A 223 24.39 12.50 -16.95
CA ILE A 223 25.72 11.92 -17.02
C ILE A 223 26.19 11.40 -15.65
N GLU A 224 25.26 10.89 -14.83
CA GLU A 224 25.67 10.34 -13.54
C GLU A 224 25.95 8.84 -13.60
N ILE A 225 25.42 8.14 -14.61
CA ILE A 225 25.69 6.73 -14.86
C ILE A 225 25.99 6.58 -16.35
N SER A 226 26.58 5.46 -16.73
CA SER A 226 26.90 5.26 -18.15
C SER A 226 25.93 4.35 -18.89
N GLU A 227 25.19 3.50 -18.19
CA GLU A 227 24.20 2.62 -18.79
C GLU A 227 23.02 2.50 -17.85
N GLU A 228 21.86 2.17 -18.39
CA GLU A 228 20.73 1.81 -17.55
C GLU A 228 21.01 0.50 -16.79
N SER A 229 20.68 0.50 -15.49
CA SER A 229 20.86 -0.68 -14.67
C SER A 229 19.89 -1.78 -15.04
N GLU A 230 20.37 -3.03 -14.99
CA GLU A 230 19.51 -4.21 -15.07
C GLU A 230 18.71 -4.47 -13.79
N TYR A 231 19.11 -3.89 -12.65
CA TYR A 231 18.49 -4.17 -11.36
C TYR A 231 17.09 -3.57 -11.26
N ASP A 232 16.13 -4.39 -10.81
CA ASP A 232 14.76 -3.98 -10.51
C ASP A 232 14.43 -4.28 -9.05
N PRO A 233 14.17 -3.28 -8.21
CA PRO A 233 13.94 -3.57 -6.78
C PRO A 233 12.70 -4.41 -6.52
N LEU A 234 11.68 -4.32 -7.37
CA LEU A 234 10.50 -5.14 -7.17
C LEU A 234 10.85 -6.63 -7.20
N ASP A 235 11.91 -7.00 -7.93
CA ASP A 235 12.38 -8.39 -7.91
C ASP A 235 12.95 -8.77 -6.54
N LEU A 236 13.92 -8.01 -6.03
CA LEU A 236 14.56 -8.35 -4.77
C LEU A 236 13.57 -8.45 -3.61
N PHE A 237 12.57 -7.58 -3.57
CA PHE A 237 11.58 -7.51 -2.50
C PHE A 237 10.33 -8.34 -2.79
N SER A 238 10.41 -9.33 -3.69
CA SER A 238 9.21 -10.02 -4.14
C SER A 238 8.82 -11.19 -3.25
N GLY A 239 9.74 -11.74 -2.47
CA GLY A 239 9.46 -12.97 -1.76
C GLY A 239 9.61 -14.24 -2.59
N SER A 240 10.15 -14.14 -3.80
CA SER A 240 10.36 -15.31 -4.67
C SER A 240 11.86 -15.53 -4.81
N LYS A 241 12.32 -16.74 -4.47
CA LYS A 241 13.74 -17.03 -4.51
C LYS A 241 14.29 -17.01 -5.93
N GLU A 242 13.43 -17.22 -6.93
CA GLU A 242 13.87 -17.06 -8.31
C GLU A 242 14.08 -15.58 -8.64
N ARG A 243 13.10 -14.73 -8.31
CA ARG A 243 13.26 -13.30 -8.58
C ARG A 243 14.44 -12.70 -7.81
N VAL A 244 14.70 -13.20 -6.59
CA VAL A 244 15.77 -12.65 -5.79
C VAL A 244 17.13 -12.92 -6.45
N LEU A 245 17.42 -14.19 -6.81
CA LEU A 245 18.68 -14.48 -7.48
C LEU A 245 18.84 -13.69 -8.77
N GLU A 246 17.74 -13.46 -9.49
CA GLU A 246 17.78 -12.61 -10.67
C GLU A 246 18.22 -11.18 -10.35
N ALA A 247 17.77 -10.64 -9.20
CA ALA A 247 18.19 -9.29 -8.83
C ALA A 247 19.68 -9.27 -8.50
N ILE A 248 20.16 -10.30 -7.81
CA ILE A 248 21.58 -10.38 -7.46
C ILE A 248 22.45 -10.48 -8.72
N LYS A 249 21.96 -11.16 -9.75
CA LYS A 249 22.72 -11.27 -11.00
C LYS A 249 22.74 -9.93 -11.75
N ALA A 250 21.64 -9.19 -11.72
CA ALA A 250 21.62 -7.84 -12.29
C ALA A 250 22.54 -6.88 -11.53
N LEU A 251 22.54 -6.95 -10.19
CA LEU A 251 23.46 -6.12 -9.40
C LEU A 251 24.92 -6.40 -9.79
N TYR A 252 25.30 -7.67 -9.88
CA TYR A 252 26.65 -7.99 -10.33
C TYR A 252 26.93 -7.41 -11.72
N SER A 253 25.96 -7.47 -12.64
CA SER A 253 26.19 -7.01 -14.02
C SER A 253 26.37 -5.50 -14.10
N THR A 254 25.49 -4.73 -13.44
CA THR A 254 25.56 -3.27 -13.42
C THR A 254 25.51 -2.81 -11.97
N PRO A 255 26.66 -2.81 -11.28
CA PRO A 255 26.65 -2.48 -9.85
C PRO A 255 26.22 -1.05 -9.54
N GLN A 256 26.56 -0.09 -10.40
CA GLN A 256 26.47 1.34 -10.12
C GLN A 256 26.92 1.61 -8.69
N ASN A 257 26.02 2.11 -7.83
CA ASN A 257 26.33 2.30 -6.41
C ASN A 257 25.46 1.41 -5.51
N ASN A 258 24.86 0.38 -6.08
CA ASN A 258 23.91 -0.47 -5.38
C ASN A 258 24.53 -1.78 -4.89
N PHE A 259 25.74 -2.12 -5.32
CA PHE A 259 26.37 -3.42 -5.07
C PHE A 259 27.86 -3.20 -4.91
N ARG A 260 28.44 -3.73 -3.82
CA ARG A 260 29.88 -3.78 -3.65
C ARG A 260 30.29 -5.08 -2.96
N VAL A 261 31.50 -5.55 -3.26
CA VAL A 261 32.05 -6.77 -2.69
C VAL A 261 33.44 -6.43 -2.15
N PHE A 262 33.72 -6.87 -0.93
CA PHE A 262 34.98 -6.64 -0.24
C PHE A 262 35.68 -7.98 0.04
N LEU A 263 37.01 -7.96 0.04
CA LEU A 263 37.84 -9.10 0.45
C LEU A 263 38.70 -8.62 1.61
N ASN A 264 38.48 -9.20 2.79
CA ASN A 264 39.15 -8.75 4.02
C ASN A 264 39.12 -7.23 4.14
N GLY A 265 37.98 -6.63 3.85
CA GLY A 265 37.83 -5.21 4.03
C GLY A 265 38.30 -4.34 2.90
N SER A 266 38.84 -4.92 1.84
CA SER A 266 39.33 -4.15 0.70
C SER A 266 38.45 -4.42 -0.52
N LEU A 267 38.11 -3.37 -1.24
CA LEU A 267 37.10 -3.46 -2.30
C LEU A 267 37.64 -4.27 -3.49
N ILE A 268 36.83 -5.20 -4.00
CA ILE A 268 37.20 -5.98 -5.17
C ILE A 268 36.15 -5.96 -6.26
N LEU A 269 34.98 -5.34 -6.03
CA LEU A 269 34.00 -5.11 -7.08
C LEU A 269 33.10 -3.96 -6.64
N GLY A 270 32.87 -2.99 -7.53
CA GLY A 270 32.04 -1.83 -7.27
C GLY A 270 32.86 -0.57 -7.05
N GLY A 271 32.14 0.54 -6.84
CA GLY A 271 32.76 1.86 -6.78
C GLY A 271 33.20 2.24 -5.38
N SER A 272 34.22 3.13 -5.29
CA SER A 272 34.80 3.55 -4.01
C SER A 272 34.40 4.98 -3.69
N GLY A 273 33.45 5.14 -2.76
CA GLY A 273 32.90 6.45 -2.43
C GLY A 273 32.02 7.01 -3.53
N GLU A 274 31.72 6.17 -4.54
CA GLU A 274 31.03 6.58 -5.75
C GLU A 274 30.54 5.34 -6.51
N SER A 275 29.65 5.60 -7.47
CA SER A 275 29.07 4.61 -8.36
C SER A 275 30.07 4.21 -9.46
N THR A 276 29.84 3.06 -10.09
CA THR A 276 30.79 2.53 -11.06
C THR A 276 30.05 1.95 -12.26
N GLY A 277 30.83 1.55 -13.29
CA GLY A 277 30.27 1.09 -14.55
C GLY A 277 30.10 -0.42 -14.63
N ARG A 278 29.61 -0.87 -15.79
CA ARG A 278 29.25 -2.26 -16.00
C ARG A 278 30.44 -3.20 -15.81
N THR A 279 30.15 -4.42 -15.37
CA THR A 279 31.20 -5.43 -15.21
C THR A 279 31.57 -5.97 -16.59
N SER A 280 32.75 -5.61 -17.08
CA SER A 280 33.24 -6.05 -18.38
C SER A 280 33.92 -7.43 -18.27
N PRO A 281 34.06 -8.14 -19.38
CA PRO A 281 34.77 -9.44 -19.32
C PRO A 281 36.08 -9.34 -18.56
N GLU A 282 36.84 -8.28 -18.79
CA GLU A 282 38.09 -8.10 -18.07
C GLU A 282 37.86 -8.00 -16.57
N ILE A 283 36.89 -7.18 -16.15
CA ILE A 283 36.55 -7.08 -14.73
C ILE A 283 36.13 -8.44 -14.19
N GLY A 284 35.28 -9.14 -14.93
CA GLY A 284 34.78 -10.41 -14.44
C GLY A 284 35.87 -11.44 -14.25
N TYR A 285 36.83 -11.50 -15.19
CA TYR A 285 37.95 -12.42 -15.05
C TYR A 285 38.77 -12.09 -13.80
N ALA A 286 39.01 -10.81 -13.53
CA ALA A 286 39.73 -10.45 -12.32
C ALA A 286 38.96 -10.87 -11.07
N PHE A 287 37.62 -10.73 -11.10
CA PHE A 287 36.80 -11.04 -9.93
C PHE A 287 36.70 -12.55 -9.75
N GLU A 288 36.45 -13.26 -10.84
CA GLU A 288 36.52 -14.73 -10.84
C GLU A 288 37.79 -15.24 -10.15
N ASP A 289 38.91 -14.57 -10.39
CA ASP A 289 40.15 -15.05 -9.79
C ASP A 289 40.26 -14.63 -8.32
N ALA A 290 39.80 -13.42 -7.96
CA ALA A 290 39.83 -13.00 -6.57
C ALA A 290 39.10 -13.97 -5.64
N LEU A 291 38.14 -14.73 -6.18
CA LEU A 291 37.37 -15.68 -5.40
C LEU A 291 38.11 -16.99 -5.13
N LYS A 292 39.29 -17.19 -5.73
CA LYS A 292 40.08 -18.38 -5.45
C LYS A 292 40.39 -18.49 -3.95
N GLY A 293 40.18 -19.67 -3.38
CA GLY A 293 40.41 -19.85 -1.97
C GLY A 293 39.29 -19.38 -1.08
N PHE A 294 38.17 -18.95 -1.65
CA PHE A 294 36.91 -18.85 -0.93
C PHE A 294 35.89 -19.83 -1.49
N ILE A 295 35.60 -19.75 -2.80
CA ILE A 295 34.76 -20.74 -3.45
C ILE A 295 35.66 -21.85 -4.00
N GLN A 296 35.32 -23.10 -3.70
CA GLN A 296 36.09 -24.27 -4.15
C GLN A 296 35.44 -24.82 -5.42
N SER A 297 35.74 -24.16 -6.54
CA SER A 297 35.14 -24.50 -7.81
C SER A 297 36.18 -24.27 -8.90
N GLU A 298 36.07 -25.05 -9.97
CA GLU A 298 37.02 -24.94 -11.06
C GLU A 298 36.88 -23.59 -11.76
N ASP A 299 37.93 -23.21 -12.48
CA ASP A 299 38.00 -21.86 -13.04
C ASP A 299 36.82 -21.57 -13.96
N GLY A 300 36.33 -20.33 -13.91
CA GLY A 300 35.17 -19.94 -14.66
C GLY A 300 33.84 -20.32 -14.04
N HIS A 301 33.83 -20.97 -12.88
CA HIS A 301 32.60 -21.41 -12.23
C HIS A 301 32.38 -20.77 -10.86
N ARG A 302 33.38 -20.15 -10.26
CA ARG A 302 33.23 -19.62 -8.91
C ARG A 302 32.22 -18.47 -8.85
N THR A 303 32.17 -17.62 -9.88
CA THR A 303 31.26 -16.48 -9.85
C THR A 303 29.80 -16.93 -9.74
N GLU A 304 29.40 -17.90 -10.57
CA GLU A 304 28.03 -18.43 -10.52
C GLU A 304 27.70 -18.97 -9.13
N CYS A 305 28.67 -19.63 -8.49
CA CYS A 305 28.47 -20.17 -7.14
C CYS A 305 28.32 -19.05 -6.11
N PHE A 306 29.13 -17.98 -6.24
CA PHE A 306 29.12 -16.90 -5.25
C PHE A 306 27.80 -16.12 -5.28
N LEU A 307 27.23 -15.91 -6.48
CA LEU A 307 25.97 -15.17 -6.59
C LEU A 307 24.79 -15.97 -6.05
N GLN A 308 24.86 -17.30 -6.11
CA GLN A 308 23.88 -18.16 -5.45
C GLN A 308 24.01 -18.08 -3.93
N LEU A 309 25.25 -18.05 -3.44
CA LEU A 309 25.50 -17.84 -2.02
C LEU A 309 24.83 -16.55 -1.51
N VAL A 310 25.13 -15.41 -2.16
CA VAL A 310 24.56 -14.12 -1.75
C VAL A 310 23.04 -14.18 -1.78
N SER A 311 22.48 -14.66 -2.89
CA SER A 311 21.04 -14.81 -3.03
C SER A 311 20.43 -15.64 -1.90
N ASP A 312 20.99 -16.82 -1.62
CA ASP A 312 20.49 -17.70 -0.54
C ASP A 312 20.53 -17.00 0.82
N ALA A 313 21.59 -16.24 1.09
CA ALA A 313 21.68 -15.57 2.39
C ALA A 313 20.70 -14.40 2.49
N VAL A 314 20.46 -13.70 1.39
CA VAL A 314 19.50 -12.60 1.39
C VAL A 314 18.08 -13.13 1.63
N TYR A 315 17.68 -14.13 0.86
CA TYR A 315 16.36 -14.74 1.01
C TYR A 315 16.24 -15.47 2.36
N GLY A 316 17.22 -16.31 2.68
CA GLY A 316 17.13 -17.07 3.92
C GLY A 316 17.09 -16.22 5.18
N SER A 317 17.80 -15.09 5.17
CA SER A 317 17.81 -14.23 6.36
C SER A 317 16.44 -13.65 6.67
N GLY A 318 15.62 -13.38 5.64
CA GLY A 318 14.33 -12.76 5.86
C GLY A 318 14.35 -11.27 6.17
N VAL A 319 15.51 -10.62 6.15
CA VAL A 319 15.59 -9.23 6.61
C VAL A 319 14.80 -8.28 5.73
N LEU A 320 14.52 -8.63 4.47
CA LEU A 320 13.88 -7.64 3.60
C LEU A 320 12.41 -7.44 3.89
N ASP A 321 11.73 -8.45 4.47
CA ASP A 321 10.29 -8.36 4.68
C ASP A 321 9.95 -7.23 5.64
N ARG A 322 10.61 -7.18 6.80
CA ARG A 322 10.32 -6.11 7.77
C ARG A 322 10.79 -4.76 7.26
N LEU A 323 11.89 -4.71 6.49
CA LEU A 323 12.32 -3.46 5.87
C LEU A 323 11.26 -2.90 4.92
N LEU A 324 10.62 -3.76 4.12
CA LEU A 324 9.59 -3.28 3.22
C LEU A 324 8.41 -2.70 3.98
N GLU A 325 8.08 -3.26 5.16
CA GLU A 325 6.97 -2.69 5.92
C GLU A 325 7.27 -1.26 6.39
N ILE A 326 8.53 -0.92 6.67
CA ILE A 326 8.84 0.45 7.08
C ILE A 326 8.72 1.39 5.91
N GLN A 327 9.26 0.99 4.75
CA GLN A 327 9.12 1.78 3.53
C GLN A 327 7.65 2.10 3.24
N LYS A 328 6.76 1.14 3.45
CA LYS A 328 5.35 1.37 3.18
C LYS A 328 4.68 2.27 4.20
N LEU A 329 5.42 2.79 5.18
CA LEU A 329 4.90 3.89 6.00
C LEU A 329 4.67 5.16 5.18
N ASP A 330 5.31 5.26 4.02
CA ASP A 330 4.95 6.25 3.01
C ASP A 330 3.63 5.82 2.36
N LYS A 331 2.50 6.24 2.94
CA LYS A 331 1.18 5.74 2.53
C LYS A 331 0.54 6.56 1.43
N LEU A 332 0.75 7.87 1.39
CA LEU A 332 0.08 8.76 0.47
C LEU A 332 0.96 9.17 -0.71
N ASP A 333 2.17 8.63 -0.83
CA ASP A 333 3.14 9.12 -1.81
C ASP A 333 3.52 10.57 -1.49
N ILE A 334 4.66 11.04 -2.00
CA ILE A 334 5.04 12.45 -1.80
C ILE A 334 4.01 13.41 -2.39
N GLU A 335 3.25 12.99 -3.42
CA GLU A 335 2.22 13.87 -3.99
C GLU A 335 1.07 14.12 -3.02
N GLY A 336 0.84 13.22 -2.05
CA GLY A 336 -0.08 13.48 -0.98
C GLY A 336 0.56 14.17 0.22
N ALA A 337 1.70 13.61 0.67
CA ALA A 337 2.33 14.06 1.92
C ALA A 337 2.80 15.51 1.86
N ILE A 338 3.12 16.03 0.67
CA ILE A 338 3.64 17.38 0.57
C ILE A 338 2.61 18.42 1.04
N HIS A 339 1.29 18.11 0.93
CA HIS A 339 0.28 19.07 1.41
C HIS A 339 0.28 19.17 2.92
N CYS A 340 0.47 18.04 3.60
CA CYS A 340 0.58 18.03 5.06
C CYS A 340 1.82 18.81 5.51
N TYR A 341 2.93 18.69 4.76
CA TYR A 341 4.12 19.48 5.06
C TYR A 341 3.83 20.99 5.13
N TYR A 342 3.07 21.53 4.17
CA TYR A 342 2.86 22.98 4.16
C TYR A 342 1.92 23.43 5.27
N ASP A 343 1.03 22.56 5.75
CA ASP A 343 0.29 22.86 6.97
C ASP A 343 1.24 22.94 8.17
N ILE A 344 2.16 21.97 8.27
CA ILE A 344 3.10 21.89 9.39
C ILE A 344 3.89 23.18 9.54
N ILE A 345 4.44 23.70 8.44
CA ILE A 345 5.30 24.87 8.53
C ILE A 345 4.47 26.14 8.39
N ASN A 346 3.16 26.03 8.58
CA ASN A 346 2.23 27.17 8.58
C ASN A 346 2.42 28.07 7.37
N GLN A 347 2.19 27.49 6.20
CA GLN A 347 2.44 28.16 4.94
C GLN A 347 1.29 27.91 3.98
N PRO A 348 0.97 28.89 3.13
CA PRO A 348 -0.06 28.65 2.11
C PRO A 348 0.42 27.62 1.11
N CYS A 349 -0.42 26.62 0.84
CA CYS A 349 0.02 25.51 0.00
C CYS A 349 0.25 25.96 -1.44
N PRO A 350 1.49 25.94 -1.93
CA PRO A 350 1.73 26.32 -3.32
C PRO A 350 1.20 25.31 -4.33
N ILE A 351 1.10 24.04 -3.96
CA ILE A 351 0.62 23.02 -4.88
C ILE A 351 -0.82 23.33 -5.28
N CYS A 352 -1.69 23.52 -4.28
CA CYS A 352 -3.08 23.85 -4.55
C CYS A 352 -3.21 25.28 -5.06
N LYS A 353 -4.07 25.47 -6.06
CA LYS A 353 -4.49 26.80 -6.56
C LYS A 353 -5.08 26.69 -7.98
N GLU A 361 -9.13 21.30 -2.67
CA GLU A 361 -8.34 20.26 -2.01
C GLU A 361 -8.76 20.06 -0.55
N LEU A 362 -9.81 20.76 -0.13
CA LEU A 362 -10.33 20.58 1.21
C LEU A 362 -10.53 19.09 1.51
N SER A 363 -9.42 18.36 1.64
CA SER A 363 -9.42 16.99 2.11
C SER A 363 -8.25 16.82 3.08
N LEU A 364 -7.03 16.71 2.54
CA LEU A 364 -5.86 16.68 3.41
C LEU A 364 -5.77 17.94 4.26
N HIS A 365 -6.04 19.11 3.68
CA HIS A 365 -5.89 20.36 4.41
C HIS A 365 -6.96 20.55 5.49
N ALA A 366 -7.94 19.67 5.60
CA ALA A 366 -8.94 19.72 6.66
C ALA A 366 -8.64 18.76 7.81
N LEU A 367 -7.47 18.11 7.80
CA LEU A 367 -7.16 17.15 8.85
C LEU A 367 -6.79 17.86 10.15
N PRO A 368 -7.02 17.23 11.29
CA PRO A 368 -6.45 17.76 12.54
C PRO A 368 -4.93 17.80 12.46
N LEU A 369 -4.37 18.85 13.06
CA LEU A 369 -2.92 19.04 13.10
C LEU A 369 -2.19 17.74 13.40
N ASP A 370 -2.66 17.02 14.43
CA ASP A 370 -1.95 15.83 14.90
C ASP A 370 -1.80 14.78 13.80
N GLU A 371 -2.79 14.68 12.89
CA GLU A 371 -2.76 13.71 11.79
C GLU A 371 -1.82 14.16 10.68
N SER A 372 -1.82 15.47 10.35
CA SER A 372 -0.85 15.99 9.39
C SER A 372 0.59 15.76 9.85
N LEU A 373 0.82 15.91 11.15
CA LEU A 373 2.15 15.68 11.72
C LEU A 373 2.54 14.20 11.64
N LYS A 374 1.61 13.30 11.95
CA LYS A 374 1.89 11.86 11.91
C LYS A 374 2.24 11.41 10.49
N ILE A 375 1.50 11.91 9.49
CA ILE A 375 1.77 11.57 8.11
C ILE A 375 3.18 11.98 7.71
N VAL A 376 3.59 13.19 8.08
CA VAL A 376 4.91 13.68 7.66
C VAL A 376 6.01 12.92 8.36
N LYS A 377 5.83 12.65 9.67
CA LYS A 377 6.84 11.94 10.43
C LYS A 377 7.06 10.53 9.88
N GLU A 378 5.97 9.85 9.56
CA GLU A 378 6.09 8.51 9.00
C GLU A 378 6.67 8.53 7.59
N TYR A 379 6.44 9.62 6.84
CA TYR A 379 7.12 9.78 5.56
C TYR A 379 8.64 9.79 5.74
N LEU A 380 9.13 10.56 6.71
CA LEU A 380 10.57 10.65 6.97
C LEU A 380 11.14 9.32 7.45
N ILE A 381 10.38 8.59 8.28
CA ILE A 381 10.85 7.27 8.72
C ILE A 381 10.94 6.31 7.53
N ALA A 382 9.92 6.32 6.66
CA ALA A 382 9.98 5.53 5.43
C ALA A 382 11.23 5.86 4.61
N ALA A 383 11.60 7.15 4.56
CA ALA A 383 12.76 7.54 3.76
C ALA A 383 14.07 6.99 4.32
N THR A 384 14.21 6.94 5.66
CA THR A 384 15.37 6.25 6.24
C THR A 384 15.48 4.82 5.70
N ALA A 385 14.35 4.12 5.61
CA ALA A 385 14.35 2.73 5.17
C ALA A 385 14.48 2.60 3.65
N LYS A 386 14.08 3.61 2.86
CA LYS A 386 14.31 3.59 1.41
C LYS A 386 15.76 3.92 1.04
N ASP A 387 16.53 4.46 1.95
CA ASP A 387 17.84 5.04 1.67
C ASP A 387 18.98 4.24 2.29
N CYS A 388 18.66 3.19 3.05
CA CYS A 388 19.67 2.54 3.87
C CYS A 388 20.34 1.44 3.04
N SER A 389 21.31 0.74 3.63
CA SER A 389 22.04 -0.36 2.99
C SER A 389 22.11 -1.57 3.91
N ILE A 390 22.46 -2.71 3.31
CA ILE A 390 22.62 -3.98 4.01
C ILE A 390 24.00 -4.56 3.71
N MET A 391 24.71 -4.99 4.75
CA MET A 391 26.02 -5.62 4.60
C MET A 391 25.99 -7.06 5.14
N ILE A 392 26.50 -7.98 4.34
CA ILE A 392 26.45 -9.42 4.60
C ILE A 392 27.89 -9.91 4.60
N SER A 393 28.37 -10.39 5.75
CA SER A 393 29.69 -10.97 5.84
C SER A 393 29.61 -12.49 5.91
N PHE A 394 30.62 -13.17 5.37
CA PHE A 394 30.61 -14.63 5.26
C PHE A 394 31.84 -15.22 5.91
N GLN A 395 31.67 -16.41 6.49
CA GLN A 395 32.77 -17.20 7.03
C GLN A 395 32.72 -18.60 6.45
N SER A 396 33.79 -19.00 5.76
CA SER A 396 33.88 -20.37 5.25
C SER A 396 34.33 -21.32 6.36
N ARG A 397 33.56 -22.40 6.54
CA ARG A 397 34.02 -23.45 7.45
C ARG A 397 35.27 -24.18 6.94
N ASN A 398 35.67 -23.98 5.67
CA ASN A 398 36.95 -24.55 5.22
C ASN A 398 38.11 -24.05 6.07
N ALA A 399 38.03 -22.84 6.61
CA ALA A 399 39.14 -22.33 7.39
C ALA A 399 39.22 -23.00 8.75
N TRP A 400 40.44 -23.26 9.21
CA TRP A 400 40.66 -24.11 10.37
C TRP A 400 40.19 -23.45 11.67
N ASP A 401 40.20 -22.12 11.73
CA ASP A 401 39.81 -21.40 12.93
C ASP A 401 38.38 -20.90 12.86
N SER A 402 37.58 -21.39 11.91
CA SER A 402 36.18 -21.00 11.86
C SER A 402 35.42 -21.64 13.01
N GLU A 403 34.28 -21.01 13.37
CA GLU A 403 33.40 -21.49 14.42
C GLU A 403 31.98 -21.59 13.90
N PRO A 404 31.27 -22.68 14.18
CA PRO A 404 29.88 -22.80 13.68
C PRO A 404 28.92 -21.86 14.38
N SER A 405 27.82 -21.56 13.69
CA SER A 405 26.69 -20.81 14.25
C SER A 405 25.40 -21.40 13.67
N GLY A 406 24.27 -20.81 14.04
CA GLY A 406 22.97 -21.23 13.53
C GLY A 406 22.49 -20.57 12.24
N ASP A 407 23.26 -19.64 11.68
CA ASP A 407 22.90 -18.92 10.45
C ASP A 407 23.94 -19.24 9.39
N TYR A 408 23.63 -20.16 8.48
CA TYR A 408 24.59 -20.56 7.47
C TYR A 408 23.86 -20.85 6.17
N VAL A 409 24.64 -20.91 5.08
CA VAL A 409 24.16 -21.38 3.78
C VAL A 409 24.99 -22.58 3.39
N SER A 410 24.32 -23.61 2.86
CA SER A 410 24.98 -24.81 2.37
C SER A 410 25.03 -24.73 0.85
N LEU A 411 26.24 -24.68 0.29
CA LEU A 411 26.45 -24.60 -1.15
C LEU A 411 26.68 -26.02 -1.66
N LYS A 412 25.62 -26.61 -2.26
CA LYS A 412 25.69 -28.01 -2.67
C LYS A 412 26.65 -28.22 -3.85
N PRO A 413 26.59 -27.44 -4.94
CA PRO A 413 27.52 -27.67 -6.06
C PRO A 413 28.99 -27.63 -5.66
N THR A 414 29.30 -27.20 -4.43
CA THR A 414 30.66 -27.04 -3.96
C THR A 414 30.93 -27.82 -2.68
N ASN A 415 29.91 -28.43 -2.08
CA ASN A 415 30.06 -29.15 -0.82
C ASN A 415 30.74 -28.28 0.24
N GLN A 416 30.32 -27.01 0.33
CA GLN A 416 30.85 -26.06 1.30
C GLN A 416 29.73 -25.49 2.15
N THR A 417 30.10 -25.00 3.34
CA THR A 417 29.17 -24.35 4.26
C THR A 417 29.74 -23.00 4.65
N PHE A 418 28.92 -21.95 4.55
CA PHE A 418 29.30 -20.58 4.90
C PHE A 418 28.34 -20.02 5.96
N ASP A 419 28.91 -19.60 7.08
CA ASP A 419 28.15 -18.83 8.07
C ASP A 419 28.10 -17.37 7.65
N TYR A 420 27.03 -16.67 8.05
CA TYR A 420 26.86 -15.28 7.62
C TYR A 420 26.16 -14.45 8.70
N LYS A 421 26.43 -13.15 8.63
CA LYS A 421 25.82 -12.11 9.45
C LYS A 421 25.27 -11.04 8.53
N VAL A 422 24.15 -10.42 8.92
CA VAL A 422 23.52 -9.35 8.14
C VAL A 422 23.27 -8.16 9.06
N HIS A 423 23.64 -6.95 8.62
CA HIS A 423 23.43 -5.75 9.41
C HIS A 423 23.02 -4.59 8.51
N PHE A 424 22.13 -3.74 9.03
CA PHE A 424 21.76 -2.50 8.37
C PHE A 424 22.80 -1.42 8.66
N ILE A 425 23.04 -0.57 7.68
CA ILE A 425 23.87 0.61 7.91
C ILE A 425 23.16 1.81 7.30
N ASP A 426 23.56 2.99 7.76
CA ASP A 426 23.06 4.28 7.25
C ASP A 426 21.57 4.45 7.57
N LEU A 427 21.20 4.24 8.83
CA LEU A 427 19.83 4.43 9.30
C LEU A 427 19.77 5.83 9.89
N SER A 428 19.71 6.82 9.00
CA SER A 428 19.88 8.23 9.33
C SER A 428 18.54 8.94 9.43
N LEU A 429 18.45 9.89 10.37
CA LEU A 429 17.32 10.82 10.43
C LEU A 429 17.39 11.83 9.29
N LYS A 430 16.25 11.99 8.52
CA LYS A 430 16.19 12.94 7.41
C LYS A 430 15.69 14.31 7.87
N PRO A 431 16.22 15.42 7.33
CA PRO A 431 15.74 16.76 7.74
C PRO A 431 14.34 17.07 7.21
N LEU A 432 13.53 17.69 8.07
CA LEU A 432 12.17 18.03 7.68
C LEU A 432 12.15 18.82 6.36
N LYS A 433 13.11 19.70 6.14
CA LYS A 433 12.98 20.60 4.99
C LYS A 433 13.26 19.92 3.67
N ARG A 434 13.88 18.73 3.67
CA ARG A 434 14.07 17.97 2.45
C ARG A 434 12.74 17.57 1.80
N MET A 435 11.62 17.61 2.54
CA MET A 435 10.30 17.36 1.95
C MET A 435 10.13 18.10 0.62
N GLU A 436 10.55 19.38 0.55
CA GLU A 436 10.45 20.15 -0.68
C GLU A 436 11.32 19.58 -1.79
N SER A 437 12.54 19.14 -1.45
CA SER A 437 13.42 18.49 -2.41
C SER A 437 12.83 17.20 -2.94
N TYR A 438 12.30 16.37 -2.04
CA TYR A 438 11.67 15.12 -2.46
C TYR A 438 10.60 15.38 -3.51
N TYR A 439 9.79 16.44 -3.30
CA TYR A 439 8.68 16.74 -4.18
C TYR A 439 9.15 17.19 -5.54
N LYS A 440 10.20 18.02 -5.58
CA LYS A 440 10.68 18.55 -6.85
C LYS A 440 11.41 17.48 -7.65
N LEU A 441 12.17 16.61 -7.00
CA LEU A 441 12.78 15.51 -7.73
C LEU A 441 11.73 14.57 -8.29
N ASP A 442 10.73 14.20 -7.49
CA ASP A 442 9.67 13.33 -7.96
C ASP A 442 9.01 13.92 -9.21
N LYS A 443 8.63 15.19 -9.13
CA LYS A 443 7.99 15.85 -10.26
C LYS A 443 8.87 15.81 -11.50
N LYS A 444 10.18 15.96 -11.32
CA LYS A 444 11.10 15.93 -12.47
C LYS A 444 11.29 14.49 -13.00
N ILE A 445 11.30 13.50 -12.11
CA ILE A 445 11.40 12.11 -12.58
C ILE A 445 10.21 11.74 -13.47
N ILE A 446 8.98 11.98 -12.99
CA ILE A 446 7.80 11.50 -13.71
C ILE A 446 7.56 12.32 -14.97
N SER A 447 7.89 13.61 -14.96
CA SER A 447 7.72 14.42 -16.15
C SER A 447 8.67 13.96 -17.26
N PHE A 448 9.96 13.75 -16.92
CA PHE A 448 10.91 13.28 -17.92
C PHE A 448 10.52 11.91 -18.48
N TYR A 449 10.16 10.96 -17.61
CA TYR A 449 9.74 9.64 -18.08
C TYR A 449 8.53 9.74 -19.00
N ASN A 450 7.52 10.53 -18.60
CA ASN A 450 6.34 10.79 -19.44
C ASN A 450 6.74 11.30 -20.83
N ARG A 451 7.61 12.30 -20.87
CA ARG A 451 8.08 12.84 -22.14
C ARG A 451 8.81 11.77 -22.95
N LYS A 452 9.77 11.09 -22.32
CA LYS A 452 10.59 10.12 -23.05
C LYS A 452 9.73 9.03 -23.69
N GLN A 453 8.60 8.68 -23.05
CA GLN A 453 7.75 7.62 -23.58
C GLN A 453 6.80 8.15 -24.66
N LYS A 454 6.33 9.39 -24.51
CA LYS A 454 5.55 10.01 -25.58
C LYS A 454 6.23 9.81 -26.92
N ALA A 455 7.53 10.12 -26.99
CA ALA A 455 8.34 9.79 -28.15
C ALA A 455 8.27 8.29 -28.42
N GLU A 456 7.22 7.84 -29.10
CA GLU A 456 7.06 6.44 -29.48
C GLU A 456 7.90 6.11 -30.71
N GLU B 13 -54.11 -2.92 -43.06
CA GLU B 13 -53.07 -3.85 -43.47
C GLU B 13 -51.87 -3.08 -44.02
N VAL B 14 -50.84 -2.90 -43.18
CA VAL B 14 -49.68 -2.06 -43.45
C VAL B 14 -48.41 -2.81 -43.03
N LEU B 15 -47.30 -2.47 -43.68
CA LEU B 15 -46.03 -3.18 -43.52
C LEU B 15 -45.17 -2.52 -42.45
N PHE B 16 -44.72 -3.31 -41.48
CA PHE B 16 -43.94 -2.82 -40.34
C PHE B 16 -42.48 -3.26 -40.43
N GLN B 17 -41.58 -2.37 -40.04
CA GLN B 17 -40.16 -2.70 -39.96
C GLN B 17 -39.94 -3.95 -39.10
N GLY B 18 -38.94 -4.74 -39.47
CA GLY B 18 -38.48 -5.83 -38.64
C GLY B 18 -37.83 -5.33 -37.35
N PRO B 19 -37.66 -6.22 -36.37
CA PRO B 19 -37.10 -5.80 -35.08
C PRO B 19 -35.66 -5.31 -35.21
N MET B 20 -35.42 -4.08 -34.76
CA MET B 20 -34.07 -3.52 -34.73
C MET B 20 -33.65 -3.24 -33.29
N GLU B 21 -32.37 -3.50 -33.00
CA GLU B 21 -31.81 -3.21 -31.69
C GLU B 21 -31.60 -1.72 -31.53
N MET B 22 -32.05 -1.18 -30.40
CA MET B 22 -31.85 0.23 -30.15
C MET B 22 -30.37 0.57 -30.03
N ILE B 23 -29.98 1.70 -30.61
CA ILE B 23 -28.64 2.23 -30.48
C ILE B 23 -28.75 3.68 -30.02
N LEU B 24 -28.27 3.96 -28.82
CA LEU B 24 -28.18 5.34 -28.34
C LEU B 24 -27.03 6.05 -29.03
N GLU B 25 -27.28 7.29 -29.46
CA GLU B 25 -26.20 8.05 -30.08
C GLU B 25 -26.04 9.42 -29.42
N GLU B 26 -25.24 10.28 -30.04
CA GLU B 26 -24.79 11.52 -29.40
C GLU B 26 -25.96 12.30 -28.81
N LYS B 27 -27.03 12.49 -29.58
CA LYS B 27 -28.14 13.31 -29.09
C LYS B 27 -28.75 12.74 -27.81
N ASP B 28 -28.67 11.42 -27.64
CA ASP B 28 -29.30 10.79 -26.49
C ASP B 28 -28.48 10.98 -25.22
N ALA B 29 -27.20 11.31 -25.34
CA ALA B 29 -26.39 11.61 -24.17
C ALA B 29 -27.02 12.70 -23.31
N SER B 30 -27.63 13.72 -23.94
CA SER B 30 -28.15 14.87 -23.19
C SER B 30 -29.22 14.46 -22.18
N ASP B 31 -29.94 13.37 -22.41
CA ASP B 31 -31.02 12.95 -21.53
C ASP B 31 -30.57 12.25 -20.24
N TRP B 32 -29.27 12.07 -20.01
CA TRP B 32 -28.77 11.34 -18.83
C TRP B 32 -27.91 12.25 -17.96
N ILE B 33 -28.08 12.15 -16.63
CA ILE B 33 -27.36 13.00 -15.69
C ILE B 33 -26.68 12.16 -14.62
N TYR B 34 -25.49 12.60 -14.22
CA TYR B 34 -24.69 11.90 -13.22
C TYR B 34 -25.53 11.57 -11.99
N ARG B 35 -25.43 10.32 -11.55
CA ARG B 35 -26.04 9.88 -10.30
C ARG B 35 -25.00 9.35 -9.31
N GLY B 36 -24.09 8.50 -9.73
CA GLY B 36 -23.08 7.97 -8.82
C GLY B 36 -22.12 7.05 -9.56
N GLU B 37 -21.12 6.57 -8.82
CA GLU B 37 -20.12 5.65 -9.36
C GLU B 37 -19.45 4.92 -8.21
N GLY B 38 -18.82 3.78 -8.54
CA GLY B 38 -17.99 3.04 -7.62
C GLY B 38 -16.64 2.70 -8.23
N GLY B 39 -16.12 1.54 -7.84
CA GLY B 39 -14.85 1.11 -8.38
C GLY B 39 -14.89 0.80 -9.87
N ALA B 40 -16.03 0.31 -10.37
CA ALA B 40 -16.08 -0.29 -11.70
C ALA B 40 -16.95 0.45 -12.71
N ASN B 41 -18.00 1.16 -12.29
CA ASN B 41 -19.01 1.69 -13.19
C ASN B 41 -19.45 3.10 -12.82
N LEU B 42 -19.76 3.90 -13.84
CA LEU B 42 -20.56 5.10 -13.70
C LEU B 42 -22.02 4.75 -13.86
N VAL B 43 -22.88 5.45 -13.12
CA VAL B 43 -24.32 5.27 -13.20
C VAL B 43 -24.94 6.64 -13.44
N LEU B 44 -25.80 6.74 -14.47
CA LEU B 44 -26.51 7.96 -14.79
C LEU B 44 -28.01 7.71 -14.80
N ALA B 45 -28.78 8.74 -14.39
CA ALA B 45 -30.23 8.72 -14.31
C ALA B 45 -30.85 9.45 -15.49
N TYR B 46 -32.11 9.12 -15.80
CA TYR B 46 -32.73 9.58 -17.04
C TYR B 46 -33.51 10.88 -16.83
N ALA B 47 -33.23 11.88 -17.66
CA ALA B 47 -33.90 13.17 -17.55
C ALA B 47 -34.70 13.56 -18.78
N GLY B 48 -34.84 12.68 -19.77
CA GLY B 48 -35.61 12.95 -20.97
C GLY B 48 -37.08 12.69 -20.76
N SER B 49 -37.81 12.61 -21.88
CA SER B 49 -39.26 12.42 -21.82
C SER B 49 -39.76 11.16 -22.51
N SER B 50 -38.88 10.40 -23.16
CA SER B 50 -39.30 9.12 -23.70
C SER B 50 -39.88 8.24 -22.59
N PRO B 51 -41.01 7.55 -22.84
CA PRO B 51 -41.66 6.81 -21.74
C PRO B 51 -40.98 5.49 -21.41
N LEU B 52 -40.10 4.99 -22.27
CA LEU B 52 -39.44 3.74 -21.97
C LEU B 52 -38.18 3.90 -21.12
N PHE B 53 -37.72 5.13 -20.87
CA PHE B 53 -36.56 5.37 -20.02
C PHE B 53 -36.93 6.10 -18.73
N VAL B 54 -38.19 6.51 -18.57
CA VAL B 54 -38.62 7.16 -17.35
C VAL B 54 -38.53 6.17 -16.20
N GLY B 55 -37.80 6.56 -15.15
CA GLY B 55 -37.58 5.66 -14.05
C GLY B 55 -36.51 4.63 -14.31
N LYS B 56 -35.60 4.88 -15.26
CA LYS B 56 -34.48 4.00 -15.54
C LYS B 56 -33.16 4.73 -15.31
N VAL B 57 -32.11 3.95 -15.03
CA VAL B 57 -30.73 4.43 -15.04
C VAL B 57 -29.96 3.59 -16.03
N ILE B 58 -28.79 4.08 -16.41
CA ILE B 58 -27.88 3.39 -17.32
C ILE B 58 -26.54 3.19 -16.62
N ARG B 59 -25.96 1.99 -16.77
CA ARG B 59 -24.73 1.61 -16.10
C ARG B 59 -23.63 1.44 -17.15
N ILE B 60 -22.53 2.18 -16.97
CA ILE B 60 -21.48 2.32 -17.96
C ILE B 60 -20.14 1.99 -17.30
N GLN B 61 -19.30 1.25 -18.00
CA GLN B 61 -18.07 0.75 -17.42
C GLN B 61 -16.92 1.74 -17.58
N LYS B 62 -16.06 1.80 -16.56
CA LYS B 62 -14.90 2.68 -16.54
C LYS B 62 -13.66 1.95 -17.02
N ALA B 63 -12.62 2.73 -17.31
CA ALA B 63 -11.38 2.25 -17.90
C ALA B 63 -10.58 1.34 -16.96
N ARG B 64 -9.83 1.92 -16.04
CA ARG B 64 -9.04 1.16 -15.06
C ARG B 64 -8.20 2.08 -14.18
N VAL B 77 -6.47 -10.44 -25.88
CA VAL B 77 -7.08 -10.28 -24.56
C VAL B 77 -8.61 -10.41 -24.67
N SER B 78 -9.14 -11.43 -24.00
CA SER B 78 -10.53 -11.84 -24.08
C SER B 78 -11.35 -11.17 -22.99
N VAL B 79 -12.57 -11.68 -22.76
CA VAL B 79 -13.43 -11.23 -21.67
C VAL B 79 -13.00 -11.88 -20.35
N LEU B 80 -12.77 -13.19 -20.37
CA LEU B 80 -12.22 -13.94 -19.25
C LEU B 80 -10.78 -14.32 -19.57
N THR B 81 -9.91 -14.30 -18.56
CA THR B 81 -8.59 -14.84 -18.82
C THR B 81 -8.66 -16.36 -18.96
N SER B 82 -7.52 -16.95 -19.33
CA SER B 82 -7.47 -18.39 -19.54
C SER B 82 -7.78 -19.15 -18.25
N ASP B 83 -7.20 -18.71 -17.11
CA ASP B 83 -7.52 -19.29 -15.81
C ASP B 83 -9.01 -19.18 -15.49
N GLU B 84 -9.65 -18.07 -15.86
CA GLU B 84 -11.06 -17.87 -15.48
C GLU B 84 -11.98 -18.77 -16.30
N GLN B 85 -11.64 -19.00 -17.58
CA GLN B 85 -12.39 -19.97 -18.37
C GLN B 85 -12.18 -21.39 -17.84
N HIS B 86 -10.96 -21.71 -17.44
CA HIS B 86 -10.69 -22.92 -16.67
C HIS B 86 -11.54 -22.95 -15.40
N LEU B 87 -11.50 -21.89 -14.59
CA LEU B 87 -12.25 -21.88 -13.32
C LEU B 87 -13.75 -22.04 -13.55
N TRP B 88 -14.35 -21.21 -14.42
CA TRP B 88 -15.79 -21.22 -14.62
C TRP B 88 -16.23 -22.17 -15.76
N ARG B 89 -15.35 -23.08 -16.19
CA ARG B 89 -15.62 -24.06 -17.24
C ARG B 89 -17.04 -24.64 -17.16
N GLU B 90 -17.51 -24.89 -15.93
CA GLU B 90 -18.85 -25.46 -15.70
C GLU B 90 -19.96 -24.60 -16.29
N ASN B 91 -19.71 -23.31 -16.49
CA ASN B 91 -20.76 -22.34 -16.82
C ASN B 91 -20.51 -21.87 -18.26
N ASN B 92 -20.91 -22.71 -19.23
CA ASN B 92 -20.54 -22.47 -20.63
C ASN B 92 -21.19 -21.19 -21.18
N GLU B 93 -22.45 -20.94 -20.84
CA GLU B 93 -23.04 -19.65 -21.24
C GLU B 93 -22.18 -18.49 -20.75
N LEU B 94 -21.80 -18.53 -19.47
CA LEU B 94 -20.96 -17.49 -18.90
C LEU B 94 -19.64 -17.35 -19.66
N ILE B 95 -18.90 -18.45 -19.83
CA ILE B 95 -17.60 -18.31 -20.48
C ILE B 95 -17.70 -18.03 -21.97
N SER B 96 -18.90 -18.13 -22.56
CA SER B 96 -19.11 -17.74 -23.96
C SER B 96 -19.35 -16.24 -24.17
N SER B 97 -19.40 -15.43 -23.11
CA SER B 97 -19.90 -14.07 -23.23
C SER B 97 -19.04 -13.23 -24.17
N PRO B 98 -19.66 -12.50 -25.11
CA PRO B 98 -18.87 -11.63 -26.01
C PRO B 98 -18.34 -10.34 -25.36
N ASN B 99 -19.06 -9.74 -24.42
CA ASN B 99 -18.57 -8.51 -23.78
C ASN B 99 -18.87 -8.54 -22.29
N LYS B 100 -18.26 -7.59 -21.56
CA LYS B 100 -18.46 -7.52 -20.12
C LYS B 100 -19.94 -7.36 -19.74
N GLU B 101 -20.75 -6.74 -20.62
CA GLU B 101 -22.15 -6.52 -20.31
C GLU B 101 -22.93 -7.83 -20.31
N VAL B 102 -22.70 -8.67 -21.33
CA VAL B 102 -23.38 -9.97 -21.37
C VAL B 102 -22.85 -10.88 -20.26
N LEU B 103 -21.56 -10.79 -19.96
CA LEU B 103 -21.00 -11.58 -18.87
C LEU B 103 -21.74 -11.28 -17.56
N GLU B 104 -21.91 -9.99 -17.24
CA GLU B 104 -22.59 -9.63 -15.99
C GLU B 104 -24.03 -10.13 -15.96
N GLN B 105 -24.77 -9.97 -17.08
CA GLN B 105 -26.14 -10.48 -17.17
C GLN B 105 -26.22 -11.98 -16.93
N ARG B 106 -25.29 -12.74 -17.53
CA ARG B 106 -25.33 -14.20 -17.38
C ARG B 106 -24.90 -14.62 -15.99
N TYR B 107 -23.92 -13.91 -15.42
CA TYR B 107 -23.54 -14.22 -14.05
C TYR B 107 -24.73 -14.07 -13.12
N VAL B 108 -25.40 -12.93 -13.16
CA VAL B 108 -26.54 -12.71 -12.26
C VAL B 108 -27.66 -13.71 -12.55
N GLN B 109 -27.95 -13.95 -13.83
CA GLN B 109 -29.07 -14.80 -14.19
C GLN B 109 -28.76 -16.27 -13.92
N ASN B 110 -27.55 -16.71 -14.26
CA ASN B 110 -27.23 -18.13 -14.24
C ASN B 110 -26.60 -18.60 -12.94
N VAL B 111 -25.95 -17.70 -12.17
CA VAL B 111 -25.21 -18.05 -10.98
C VAL B 111 -25.85 -17.52 -9.70
N ILE B 112 -26.09 -16.20 -9.64
CA ILE B 112 -26.61 -15.59 -8.41
C ILE B 112 -28.09 -15.91 -8.21
N ILE B 113 -28.91 -15.73 -9.25
CA ILE B 113 -30.35 -15.76 -9.07
C ILE B 113 -30.86 -17.12 -8.63
N PRO B 114 -30.24 -18.24 -9.06
CA PRO B 114 -30.65 -19.56 -8.52
C PRO B 114 -30.26 -19.78 -7.07
N LEU B 115 -29.58 -18.82 -6.43
CA LEU B 115 -29.21 -18.92 -5.02
C LEU B 115 -29.91 -17.89 -4.15
N LEU B 116 -30.23 -16.72 -4.69
CA LEU B 116 -30.93 -15.69 -3.94
C LEU B 116 -32.43 -15.68 -4.17
N GLY B 117 -32.87 -16.05 -5.38
CA GLY B 117 -34.23 -15.87 -5.79
C GLY B 117 -34.36 -14.64 -6.66
N PRO B 118 -35.43 -14.56 -7.46
CA PRO B 118 -35.62 -13.39 -8.34
C PRO B 118 -36.47 -12.24 -7.81
N LYS B 119 -37.07 -12.34 -6.62
CA LYS B 119 -37.98 -11.28 -6.18
C LYS B 119 -37.26 -9.95 -6.01
N HIS B 120 -36.03 -9.97 -5.50
CA HIS B 120 -35.30 -8.74 -5.17
C HIS B 120 -34.13 -8.49 -6.12
N VAL B 121 -34.05 -9.22 -7.22
CA VAL B 121 -32.93 -9.18 -8.14
C VAL B 121 -33.45 -8.89 -9.54
N ASP B 122 -32.80 -7.99 -10.25
CA ASP B 122 -33.08 -7.78 -11.68
C ASP B 122 -31.76 -7.48 -12.38
N ALA B 123 -31.26 -8.45 -13.15
CA ALA B 123 -30.30 -8.13 -14.19
C ALA B 123 -30.95 -7.17 -15.18
N GLY B 124 -30.13 -6.39 -15.85
CA GLY B 124 -30.62 -5.33 -16.71
C GLY B 124 -30.93 -5.82 -18.11
N VAL B 125 -31.06 -4.85 -18.99
CA VAL B 125 -31.23 -5.10 -20.42
C VAL B 125 -30.11 -4.33 -21.13
N ARG B 126 -29.42 -5.00 -22.06
CA ARG B 126 -28.34 -4.36 -22.79
C ARG B 126 -28.89 -3.40 -23.84
N VAL B 127 -28.13 -2.35 -24.12
CA VAL B 127 -28.41 -1.45 -25.23
C VAL B 127 -27.07 -1.15 -25.88
N SER B 128 -27.11 -0.92 -27.19
CA SER B 128 -25.91 -0.49 -27.89
C SER B 128 -25.71 1.02 -27.72
N VAL B 129 -24.47 1.46 -27.80
CA VAL B 129 -24.12 2.86 -27.64
C VAL B 129 -23.01 3.21 -28.62
N SER B 130 -23.12 4.39 -29.24
CA SER B 130 -22.07 4.86 -30.13
C SER B 130 -20.90 5.45 -29.34
N LYS B 131 -19.77 5.63 -30.01
CA LYS B 131 -18.64 6.28 -29.34
C LYS B 131 -18.95 7.74 -29.00
N GLU B 132 -19.68 8.44 -29.88
CA GLU B 132 -20.02 9.83 -29.65
C GLU B 132 -20.85 9.99 -28.38
N PHE B 133 -21.78 9.06 -28.15
CA PHE B 133 -22.54 9.03 -26.91
C PHE B 133 -21.61 8.97 -25.71
N LEU B 134 -20.70 7.99 -25.68
CA LEU B 134 -19.80 7.78 -24.56
C LEU B 134 -18.86 8.97 -24.38
N GLU B 135 -18.50 9.65 -25.46
CA GLU B 135 -17.64 10.83 -25.32
C GLU B 135 -18.41 12.03 -24.77
N CYS B 136 -19.71 12.11 -25.04
CA CYS B 136 -20.52 13.14 -24.38
C CYS B 136 -20.67 12.85 -22.90
N VAL B 137 -21.00 11.60 -22.55
CA VAL B 137 -21.09 11.23 -21.14
C VAL B 137 -19.79 11.56 -20.42
N ASP B 138 -18.65 11.25 -21.05
CA ASP B 138 -17.34 11.45 -20.43
C ASP B 138 -17.14 12.90 -20.01
N LYS B 139 -17.27 13.82 -20.97
CA LYS B 139 -17.18 15.24 -20.65
C LYS B 139 -18.24 15.64 -19.64
N LYS B 140 -19.47 15.15 -19.84
CA LYS B 140 -20.60 15.55 -19.02
C LYS B 140 -20.34 15.29 -17.53
N VAL B 141 -19.76 14.13 -17.22
CA VAL B 141 -19.66 13.72 -15.82
C VAL B 141 -18.45 14.34 -15.14
N THR B 142 -17.39 14.64 -15.89
CA THR B 142 -16.09 14.94 -15.29
C THR B 142 -16.21 15.94 -14.14
N LYS B 143 -17.04 16.98 -14.30
CA LYS B 143 -17.16 18.01 -13.27
C LYS B 143 -17.65 17.43 -11.94
N GLN B 144 -18.65 16.53 -11.98
CA GLN B 144 -19.36 16.12 -10.77
C GLN B 144 -18.71 14.95 -10.05
N ARG B 145 -17.65 14.37 -10.60
CA ARG B 145 -17.01 13.23 -9.96
C ARG B 145 -16.05 13.65 -8.84
N PRO B 146 -15.72 12.74 -7.93
CA PRO B 146 -14.59 12.98 -7.03
C PRO B 146 -13.29 13.00 -7.82
N LEU B 147 -12.43 13.98 -7.49
CA LEU B 147 -11.18 14.11 -8.22
C LEU B 147 -10.32 12.85 -8.10
N TRP B 148 -10.42 12.14 -6.97
CA TRP B 148 -9.64 10.94 -6.75
C TRP B 148 -10.17 9.76 -7.55
N ARG B 149 -11.49 9.74 -7.82
CA ARG B 149 -12.03 8.84 -8.82
C ARG B 149 -11.74 9.34 -10.24
N VAL B 150 -11.74 10.66 -10.43
CA VAL B 150 -11.23 11.26 -11.67
C VAL B 150 -9.84 10.71 -11.97
N ASN B 151 -8.92 10.84 -11.00
CA ASN B 151 -7.54 10.42 -11.21
C ASN B 151 -7.47 8.98 -11.70
N ALA B 152 -8.36 8.12 -11.19
CA ALA B 152 -8.20 6.68 -11.36
C ALA B 152 -8.77 6.19 -12.69
N ALA B 153 -9.91 6.72 -13.15
CA ALA B 153 -10.53 6.22 -14.38
C ALA B 153 -11.70 7.10 -14.81
N ASN B 154 -11.98 7.08 -16.12
CA ASN B 154 -13.22 7.59 -16.70
C ASN B 154 -13.89 6.52 -17.57
N VAL B 155 -14.92 6.89 -18.35
CA VAL B 155 -15.69 5.88 -19.07
C VAL B 155 -14.84 5.19 -20.13
N ASP B 156 -15.02 3.88 -20.26
CA ASP B 156 -14.35 3.09 -21.29
C ASP B 156 -15.00 3.40 -22.63
N THR B 157 -14.45 4.38 -23.35
CA THR B 157 -15.01 4.94 -24.57
C THR B 157 -14.90 3.98 -25.79
N SER B 158 -14.55 2.72 -25.52
CA SER B 158 -14.45 1.70 -26.55
C SER B 158 -15.45 0.55 -26.41
N HIS B 159 -16.17 0.45 -25.28
CA HIS B 159 -17.33 -0.42 -25.27
C HIS B 159 -18.33 0.03 -26.32
N ASP B 160 -19.21 -0.89 -26.70
CA ASP B 160 -20.31 -0.59 -27.61
C ASP B 160 -21.66 -0.89 -26.99
N SER B 161 -21.70 -1.11 -25.68
CA SER B 161 -22.90 -1.58 -25.00
C SER B 161 -22.92 -1.01 -23.59
N ALA B 162 -24.12 -0.97 -23.00
CA ALA B 162 -24.29 -0.61 -21.59
C ALA B 162 -25.53 -1.32 -21.07
N LEU B 163 -25.78 -1.20 -19.77
CA LEU B 163 -26.92 -1.85 -19.14
C LEU B 163 -27.93 -0.82 -18.67
N ILE B 164 -29.21 -1.09 -18.93
CA ILE B 164 -30.33 -0.29 -18.46
C ILE B 164 -30.97 -1.03 -17.29
N LEU B 165 -31.26 -0.29 -16.23
CA LEU B 165 -31.80 -0.85 -14.99
C LEU B 165 -32.93 0.04 -14.48
N ASN B 166 -33.86 -0.56 -13.73
CA ASN B 166 -34.85 0.23 -13.00
C ASN B 166 -34.18 1.07 -11.92
N ASP B 167 -34.62 2.34 -11.79
CA ASP B 167 -34.07 3.30 -10.83
C ASP B 167 -34.75 3.07 -9.48
N HIS B 168 -34.05 2.42 -8.54
CA HIS B 168 -34.70 2.07 -7.29
C HIS B 168 -34.82 3.23 -6.31
N SER B 169 -34.23 4.39 -6.62
CA SER B 169 -34.48 5.58 -5.82
C SER B 169 -35.75 6.31 -6.27
N LEU B 170 -36.54 5.65 -7.13
CA LEU B 170 -37.88 6.12 -7.53
C LEU B 170 -38.84 4.95 -7.42
N PHE B 171 -39.85 5.09 -6.55
CA PHE B 171 -40.87 4.08 -6.42
C PHE B 171 -41.59 3.85 -7.76
N ASP B 180 -43.16 11.70 -4.98
CA ASP B 180 -42.44 11.99 -3.75
C ASP B 180 -41.82 10.72 -3.15
N CYS B 181 -40.56 10.45 -3.47
CA CYS B 181 -39.93 9.17 -3.15
C CYS B 181 -38.67 9.39 -2.33
N ILE B 182 -38.62 8.82 -1.13
CA ILE B 182 -37.39 8.72 -0.38
C ILE B 182 -36.84 7.31 -0.51
N SER B 183 -35.53 7.20 -0.65
CA SER B 183 -34.87 5.91 -0.71
C SER B 183 -33.61 5.96 0.14
N VAL B 184 -33.19 4.79 0.61
CA VAL B 184 -31.93 4.65 1.34
C VAL B 184 -31.18 3.45 0.77
N GLU B 185 -29.86 3.56 0.77
CA GLU B 185 -28.99 2.49 0.29
C GLU B 185 -28.10 2.04 1.42
N ILE B 186 -28.02 0.73 1.64
CA ILE B 186 -27.21 0.14 2.71
C ILE B 186 -26.20 -0.81 2.08
N LYS B 187 -24.93 -0.65 2.43
CA LYS B 187 -23.90 -1.59 2.02
C LYS B 187 -23.50 -2.38 3.26
N PRO B 188 -24.04 -3.59 3.45
CA PRO B 188 -24.00 -4.21 4.79
C PRO B 188 -22.69 -4.90 5.16
N LYS B 189 -21.85 -5.23 4.16
CA LYS B 189 -20.57 -5.93 4.39
C LYS B 189 -20.80 -7.32 4.97
N CYS B 190 -19.75 -7.96 5.47
CA CYS B 190 -19.78 -9.35 5.90
C CYS B 190 -20.32 -9.46 7.32
N GLY B 191 -21.38 -10.25 7.49
CA GLY B 191 -22.04 -10.33 8.78
C GLY B 191 -21.91 -11.61 9.56
N PHE B 192 -20.80 -12.35 9.41
CA PHE B 192 -20.50 -13.51 10.26
C PHE B 192 -19.01 -13.56 10.58
N LEU B 193 -18.65 -14.39 11.58
CA LEU B 193 -17.31 -14.59 12.09
C LEU B 193 -16.76 -15.93 11.60
N PRO B 194 -15.53 -15.99 11.10
CA PRO B 194 -15.02 -17.25 10.56
C PRO B 194 -14.71 -18.27 11.66
N THR B 195 -14.73 -19.56 11.26
CA THR B 195 -14.45 -20.68 12.14
C THR B 195 -13.41 -21.63 11.55
N SER B 196 -12.64 -21.18 10.56
CA SER B 196 -11.77 -22.06 9.80
C SER B 196 -10.63 -22.60 10.65
N ARG B 197 -10.34 -23.89 10.49
CA ARG B 197 -9.16 -24.50 11.09
C ARG B 197 -7.85 -23.99 10.51
N PHE B 198 -7.88 -23.25 9.41
CA PHE B 198 -6.67 -22.74 8.77
C PHE B 198 -6.27 -21.34 9.24
N ILE B 199 -7.07 -20.71 10.09
CA ILE B 199 -6.64 -19.49 10.76
C ILE B 199 -5.66 -19.89 11.86
N GLY B 200 -4.42 -19.41 11.77
CA GLY B 200 -3.39 -19.80 12.70
C GLY B 200 -3.52 -19.12 14.06
N LYS B 201 -2.73 -19.64 15.00
CA LYS B 201 -2.85 -19.24 16.41
C LYS B 201 -2.68 -17.74 16.59
N GLU B 202 -1.79 -17.12 15.81
CA GLU B 202 -1.50 -15.71 15.90
C GLU B 202 -2.62 -14.83 15.39
N ASN B 203 -3.54 -15.37 14.58
CA ASN B 203 -4.64 -14.60 14.01
C ASN B 203 -5.98 -14.89 14.68
N MET B 204 -5.96 -15.49 15.88
CA MET B 204 -7.15 -15.92 16.58
C MET B 204 -8.20 -14.83 16.76
N LEU B 205 -7.81 -13.55 16.76
CA LEU B 205 -8.84 -12.54 16.92
C LEU B 205 -9.82 -12.51 15.75
N LYS B 206 -9.43 -13.05 14.58
CA LYS B 206 -10.38 -13.11 13.47
C LYS B 206 -11.62 -13.90 13.83
N THR B 207 -11.50 -14.87 14.74
CA THR B 207 -12.67 -15.66 15.13
C THR B 207 -13.57 -14.97 16.16
N SER B 208 -13.19 -13.81 16.69
CA SER B 208 -14.06 -13.13 17.67
C SER B 208 -14.34 -11.67 17.38
N VAL B 209 -13.59 -11.00 16.51
CA VAL B 209 -13.85 -9.61 16.12
C VAL B 209 -14.14 -9.59 14.62
N SER B 210 -15.22 -8.89 14.23
CA SER B 210 -15.63 -8.92 12.84
C SER B 210 -14.59 -8.26 11.93
N ARG B 211 -14.53 -8.71 10.66
CA ARG B 211 -13.62 -8.08 9.71
C ARG B 211 -13.91 -6.59 9.61
N PHE B 212 -15.19 -6.20 9.53
CA PHE B 212 -15.50 -4.78 9.39
C PHE B 212 -14.84 -3.95 10.49
N LYS B 213 -14.85 -4.46 11.73
CA LYS B 213 -14.36 -3.66 12.86
C LYS B 213 -12.84 -3.54 12.86
N MET B 214 -12.11 -4.62 12.55
CA MET B 214 -10.66 -4.53 12.42
C MET B 214 -10.25 -3.61 11.27
N HIS B 215 -10.97 -3.70 10.14
CA HIS B 215 -10.60 -2.94 8.95
C HIS B 215 -10.73 -1.43 9.17
N GLN B 216 -11.71 -1.00 9.98
CA GLN B 216 -11.84 0.41 10.35
C GLN B 216 -10.51 1.02 10.81
N LEU B 217 -9.78 0.31 11.67
CA LEU B 217 -8.51 0.84 12.17
C LEU B 217 -7.54 1.10 11.03
N LEU B 218 -7.53 0.21 10.02
CA LEU B 218 -6.61 0.37 8.90
C LEU B 218 -7.02 1.53 8.01
N LYS B 219 -8.31 1.68 7.75
CA LYS B 219 -8.77 2.82 6.97
C LYS B 219 -8.36 4.15 7.62
N LEU B 220 -8.37 4.23 8.96
CA LEU B 220 -7.95 5.47 9.62
C LEU B 220 -6.49 5.76 9.35
N GLU B 221 -5.62 4.75 9.53
CA GLU B 221 -4.22 4.88 9.14
C GLU B 221 -4.05 5.48 7.76
N TYR B 222 -4.95 5.14 6.83
CA TYR B 222 -4.81 5.49 5.44
C TYR B 222 -5.69 6.68 5.04
N ILE B 223 -6.21 7.41 6.02
CA ILE B 223 -6.97 8.65 5.81
C ILE B 223 -8.12 8.43 4.82
N GLU B 224 -8.72 7.24 4.85
CA GLU B 224 -9.88 6.98 4.00
C GLU B 224 -11.20 7.30 4.70
N ILE B 225 -11.18 7.36 6.04
CA ILE B 225 -12.32 7.75 6.85
C ILE B 225 -11.81 8.71 7.93
N SER B 226 -12.75 9.49 8.50
CA SER B 226 -12.44 10.43 9.58
C SER B 226 -12.67 9.86 10.97
N GLU B 227 -13.57 8.90 11.13
CA GLU B 227 -13.93 8.44 12.45
C GLU B 227 -14.26 6.96 12.38
N GLU B 228 -14.02 6.25 13.49
CA GLU B 228 -14.41 4.85 13.57
C GLU B 228 -15.92 4.72 13.53
N SER B 229 -16.42 3.89 12.61
CA SER B 229 -17.86 3.71 12.47
C SER B 229 -18.46 3.10 13.73
N GLU B 230 -19.71 3.46 14.00
CA GLU B 230 -20.49 2.82 15.06
C GLU B 230 -21.17 1.54 14.57
N TYR B 231 -21.19 1.31 13.26
CA TYR B 231 -21.89 0.18 12.67
C TYR B 231 -21.15 -1.13 12.94
N ASP B 232 -21.90 -2.15 13.38
CA ASP B 232 -21.40 -3.50 13.49
C ASP B 232 -22.28 -4.43 12.65
N PRO B 233 -21.74 -5.04 11.58
CA PRO B 233 -22.55 -5.92 10.74
C PRO B 233 -23.19 -7.07 11.50
N LEU B 234 -22.55 -7.58 12.53
CA LEU B 234 -23.10 -8.71 13.26
C LEU B 234 -24.47 -8.38 13.87
N ASP B 235 -24.75 -7.10 14.12
CA ASP B 235 -26.06 -6.70 14.60
C ASP B 235 -27.11 -6.77 13.50
N LEU B 236 -26.78 -6.22 12.31
CA LEU B 236 -27.76 -6.20 11.23
C LEU B 236 -28.15 -7.60 10.79
N PHE B 237 -27.21 -8.54 10.82
CA PHE B 237 -27.48 -9.92 10.41
C PHE B 237 -27.87 -10.82 11.57
N SER B 238 -28.20 -10.26 12.73
CA SER B 238 -28.39 -11.06 13.93
C SER B 238 -29.73 -11.77 13.97
N GLY B 239 -30.70 -11.33 13.18
CA GLY B 239 -32.05 -11.86 13.26
C GLY B 239 -32.89 -11.27 14.38
N SER B 240 -32.39 -10.27 15.10
CA SER B 240 -33.08 -9.69 16.24
C SER B 240 -33.55 -8.27 15.92
N LYS B 241 -34.83 -8.02 16.20
CA LYS B 241 -35.45 -6.73 15.94
C LYS B 241 -34.69 -5.58 16.60
N GLU B 242 -34.25 -5.76 17.86
CA GLU B 242 -33.63 -4.63 18.56
C GLU B 242 -32.24 -4.34 18.01
N ARG B 243 -31.48 -5.38 17.66
CA ARG B 243 -30.14 -5.18 17.11
C ARG B 243 -30.17 -4.61 15.69
N VAL B 244 -31.16 -4.99 14.87
CA VAL B 244 -31.26 -4.38 13.54
C VAL B 244 -31.47 -2.88 13.68
N LEU B 245 -32.40 -2.47 14.55
CA LEU B 245 -32.65 -1.05 14.77
C LEU B 245 -31.41 -0.32 15.32
N GLU B 246 -30.68 -0.94 16.24
CA GLU B 246 -29.44 -0.30 16.68
C GLU B 246 -28.46 -0.14 15.51
N ALA B 247 -28.34 -1.16 14.66
CA ALA B 247 -27.46 -1.04 13.49
C ALA B 247 -27.88 0.13 12.61
N ILE B 248 -29.18 0.30 12.39
CA ILE B 248 -29.63 1.39 11.51
C ILE B 248 -29.31 2.75 12.14
N LYS B 249 -29.40 2.84 13.47
CA LYS B 249 -29.03 4.09 14.14
C LYS B 249 -27.53 4.32 14.07
N ALA B 250 -26.74 3.26 14.27
CA ALA B 250 -25.29 3.36 14.03
C ALA B 250 -25.00 3.90 12.63
N LEU B 251 -25.69 3.37 11.61
CA LEU B 251 -25.44 3.83 10.25
C LEU B 251 -25.76 5.33 10.10
N TYR B 252 -26.89 5.77 10.64
CA TYR B 252 -27.24 7.18 10.54
C TYR B 252 -26.14 8.05 11.14
N SER B 253 -25.60 7.67 12.30
CA SER B 253 -24.64 8.53 12.99
C SER B 253 -23.34 8.65 12.21
N THR B 254 -22.83 7.54 11.66
CA THR B 254 -21.62 7.54 10.84
C THR B 254 -21.91 6.83 9.52
N PRO B 255 -22.34 7.57 8.49
CA PRO B 255 -22.71 6.90 7.22
C PRO B 255 -21.52 6.29 6.49
N GLN B 256 -20.34 6.92 6.52
CA GLN B 256 -19.23 6.60 5.64
C GLN B 256 -19.75 6.30 4.24
N ASN B 257 -19.34 5.18 3.65
CA ASN B 257 -19.90 4.73 2.38
C ASN B 257 -20.91 3.60 2.55
N ASN B 258 -21.47 3.44 3.74
CA ASN B 258 -22.36 2.32 4.04
C ASN B 258 -23.84 2.69 4.05
N PHE B 259 -24.16 3.98 4.06
CA PHE B 259 -25.53 4.42 4.23
C PHE B 259 -25.72 5.73 3.48
N ARG B 260 -26.74 5.78 2.63
CA ARG B 260 -27.11 6.95 1.87
C ARG B 260 -28.62 7.07 1.86
N VAL B 261 -29.13 8.30 1.78
CA VAL B 261 -30.56 8.59 1.69
C VAL B 261 -30.77 9.57 0.55
N PHE B 262 -31.73 9.26 -0.35
CA PHE B 262 -32.02 10.10 -1.50
C PHE B 262 -33.45 10.62 -1.40
N LEU B 263 -33.67 11.84 -1.91
CA LEU B 263 -34.99 12.42 -2.05
C LEU B 263 -35.24 12.69 -3.53
N ASN B 264 -36.19 11.94 -4.11
CA ASN B 264 -36.43 11.98 -5.56
C ASN B 264 -35.13 11.85 -6.36
N GLY B 265 -34.23 10.99 -5.89
CA GLY B 265 -32.99 10.73 -6.60
C GLY B 265 -31.87 11.69 -6.32
N SER B 266 -31.97 12.52 -5.28
CA SER B 266 -30.93 13.48 -4.90
C SER B 266 -30.45 13.17 -3.49
N LEU B 267 -29.12 13.20 -3.31
CA LEU B 267 -28.52 12.86 -2.03
C LEU B 267 -28.89 13.90 -0.99
N ILE B 268 -29.44 13.43 0.14
CA ILE B 268 -29.68 14.27 1.29
C ILE B 268 -28.94 13.80 2.53
N LEU B 269 -28.40 12.59 2.52
CA LEU B 269 -27.56 12.09 3.60
C LEU B 269 -26.61 11.06 2.99
N GLY B 270 -25.35 11.09 3.42
CA GLY B 270 -24.33 10.18 2.89
C GLY B 270 -23.45 10.83 1.83
N GLY B 271 -22.46 10.06 1.35
CA GLY B 271 -21.49 10.57 0.40
C GLY B 271 -21.85 10.28 -1.05
N SER B 272 -21.30 11.09 -1.96
CA SER B 272 -21.60 10.98 -3.38
C SER B 272 -20.36 10.46 -4.11
N GLY B 273 -20.51 9.31 -4.80
CA GLY B 273 -19.42 8.68 -5.50
C GLY B 273 -18.27 8.24 -4.60
N GLU B 274 -18.46 8.40 -3.28
CA GLU B 274 -17.37 8.32 -2.30
C GLU B 274 -17.94 8.30 -0.89
N SER B 275 -17.08 7.95 0.07
CA SER B 275 -17.38 7.96 1.51
C SER B 275 -17.62 9.41 1.99
N THR B 276 -18.11 9.54 3.23
CA THR B 276 -18.41 10.84 3.82
C THR B 276 -18.29 10.80 5.34
N GLY B 277 -18.19 11.99 5.95
CA GLY B 277 -17.96 12.11 7.38
C GLY B 277 -19.24 12.09 8.21
N ARG B 278 -19.05 12.14 9.53
CA ARG B 278 -20.08 11.83 10.51
C ARG B 278 -21.16 12.91 10.59
N THR B 279 -22.29 12.56 11.21
CA THR B 279 -23.48 13.41 11.26
C THR B 279 -23.44 14.31 12.50
N SER B 280 -23.18 15.61 12.29
CA SER B 280 -23.19 16.57 13.39
C SER B 280 -24.57 17.20 13.57
N PRO B 281 -24.75 18.07 14.57
CA PRO B 281 -26.08 18.71 14.73
C PRO B 281 -26.52 19.50 13.51
N GLU B 282 -25.62 20.22 12.86
CA GLU B 282 -25.98 20.99 11.66
C GLU B 282 -26.53 20.06 10.57
N ILE B 283 -25.73 19.07 10.17
CA ILE B 283 -26.18 18.08 9.20
C ILE B 283 -27.49 17.45 9.64
N GLY B 284 -27.57 17.07 10.91
CA GLY B 284 -28.80 16.46 11.41
C GLY B 284 -30.01 17.36 11.29
N TYR B 285 -29.82 18.68 11.42
CA TYR B 285 -30.94 19.62 11.34
C TYR B 285 -31.46 19.74 9.92
N ALA B 286 -30.56 19.85 8.95
CA ALA B 286 -30.98 19.94 7.55
C ALA B 286 -31.69 18.67 7.09
N PHE B 287 -31.27 17.50 7.62
CA PHE B 287 -31.94 16.25 7.27
C PHE B 287 -33.34 16.19 7.87
N GLU B 288 -33.46 16.43 9.18
CA GLU B 288 -34.77 16.58 9.82
C GLU B 288 -35.69 17.47 9.01
N ASP B 289 -35.16 18.58 8.47
CA ASP B 289 -35.97 19.50 7.68
C ASP B 289 -36.21 19.01 6.26
N ALA B 290 -35.36 18.11 5.74
CA ALA B 290 -35.65 17.52 4.44
C ALA B 290 -36.77 16.49 4.53
N LEU B 291 -36.91 15.85 5.69
CA LEU B 291 -37.99 14.89 5.93
C LEU B 291 -39.36 15.55 6.02
N LYS B 292 -39.42 16.87 6.23
CA LYS B 292 -40.69 17.57 6.26
C LYS B 292 -41.37 17.49 4.90
N GLY B 293 -42.61 17.02 4.90
CA GLY B 293 -43.30 16.69 3.68
C GLY B 293 -43.25 15.22 3.30
N PHE B 294 -43.03 14.34 4.26
CA PHE B 294 -42.96 12.90 4.01
C PHE B 294 -43.20 12.16 5.33
N ILE B 295 -42.50 12.57 6.39
CA ILE B 295 -42.79 12.11 7.74
C ILE B 295 -43.61 13.21 8.40
N GLN B 296 -44.89 12.95 8.66
CA GLN B 296 -45.72 13.95 9.35
C GLN B 296 -45.72 13.59 10.83
N SER B 297 -44.72 14.11 11.54
CA SER B 297 -44.56 13.97 12.98
C SER B 297 -44.25 15.32 13.59
N GLU B 298 -44.26 15.37 14.92
CA GLU B 298 -43.87 16.58 15.64
C GLU B 298 -42.45 16.98 15.24
N ASP B 299 -42.24 18.30 15.08
CA ASP B 299 -40.93 18.80 14.72
C ASP B 299 -39.86 18.24 15.65
N GLY B 300 -38.71 17.87 15.07
CA GLY B 300 -37.65 17.23 15.80
C GLY B 300 -37.81 15.75 16.02
N HIS B 301 -38.95 15.17 15.66
CA HIS B 301 -39.21 13.74 15.83
C HIS B 301 -39.28 12.98 14.51
N ARG B 302 -39.10 13.67 13.37
CA ARG B 302 -39.18 13.01 12.08
C ARG B 302 -38.06 11.99 11.90
N THR B 303 -36.82 12.38 12.24
CA THR B 303 -35.66 11.52 12.06
C THR B 303 -35.81 10.19 12.80
N GLU B 304 -36.25 10.24 14.06
CA GLU B 304 -36.42 9.00 14.78
C GLU B 304 -37.54 8.16 14.20
N CYS B 305 -38.54 8.81 13.58
CA CYS B 305 -39.56 8.06 12.85
C CYS B 305 -38.99 7.42 11.58
N PHE B 306 -38.17 8.16 10.82
CA PHE B 306 -37.59 7.66 9.59
C PHE B 306 -36.76 6.40 9.84
N LEU B 307 -35.92 6.41 10.90
CA LEU B 307 -35.03 5.28 11.17
C LEU B 307 -35.78 4.06 11.67
N GLN B 308 -36.85 4.26 12.45
CA GLN B 308 -37.72 3.13 12.76
C GLN B 308 -38.33 2.55 11.50
N LEU B 309 -38.59 3.39 10.49
CA LEU B 309 -39.20 2.92 9.25
C LEU B 309 -38.21 2.07 8.44
N VAL B 310 -36.96 2.52 8.31
CA VAL B 310 -35.95 1.72 7.62
C VAL B 310 -35.77 0.39 8.30
N SER B 311 -35.74 0.39 9.64
CA SER B 311 -35.45 -0.82 10.39
C SER B 311 -36.55 -1.86 10.21
N ASP B 312 -37.82 -1.42 10.23
CA ASP B 312 -38.93 -2.35 10.06
C ASP B 312 -38.99 -2.91 8.64
N ALA B 313 -38.61 -2.13 7.64
CA ALA B 313 -38.60 -2.63 6.28
C ALA B 313 -37.49 -3.66 6.07
N VAL B 314 -36.36 -3.47 6.74
CA VAL B 314 -35.21 -4.37 6.60
C VAL B 314 -35.50 -5.72 7.24
N TYR B 315 -35.88 -5.70 8.51
CA TYR B 315 -36.23 -6.93 9.22
C TYR B 315 -37.47 -7.57 8.62
N GLY B 316 -38.48 -6.76 8.27
CA GLY B 316 -39.70 -7.32 7.72
C GLY B 316 -39.49 -7.98 6.36
N SER B 317 -38.72 -7.33 5.48
CA SER B 317 -38.47 -7.90 4.16
C SER B 317 -37.80 -9.26 4.22
N GLY B 318 -37.07 -9.55 5.31
CA GLY B 318 -36.37 -10.83 5.40
C GLY B 318 -35.25 -11.01 4.39
N VAL B 319 -34.83 -9.93 3.74
CA VAL B 319 -33.89 -10.03 2.63
C VAL B 319 -32.47 -10.42 3.09
N LEU B 320 -32.12 -10.21 4.36
CA LEU B 320 -30.76 -10.46 4.81
C LEU B 320 -30.46 -11.92 5.13
N ASP B 321 -31.49 -12.76 5.30
CA ASP B 321 -31.25 -14.14 5.71
C ASP B 321 -30.58 -14.96 4.60
N ARG B 322 -31.13 -14.91 3.39
CA ARG B 322 -30.53 -15.64 2.31
C ARG B 322 -29.20 -15.01 1.87
N LEU B 323 -29.08 -13.68 1.94
CA LEU B 323 -27.80 -13.05 1.61
C LEU B 323 -26.70 -13.58 2.51
N LEU B 324 -27.01 -13.75 3.80
CA LEU B 324 -26.02 -14.26 4.76
C LEU B 324 -25.61 -15.69 4.42
N GLU B 325 -26.54 -16.51 3.92
CA GLU B 325 -26.20 -17.89 3.54
C GLU B 325 -25.20 -17.92 2.38
N ILE B 326 -25.33 -16.99 1.44
CA ILE B 326 -24.39 -16.96 0.33
C ILE B 326 -23.02 -16.51 0.81
N GLN B 327 -22.96 -15.51 1.70
CA GLN B 327 -21.69 -15.06 2.27
C GLN B 327 -20.97 -16.22 2.95
N LYS B 328 -21.72 -17.11 3.61
CA LYS B 328 -21.17 -18.26 4.29
C LYS B 328 -20.67 -19.34 3.34
N LEU B 329 -20.80 -19.15 2.03
CA LEU B 329 -20.13 -20.04 1.08
C LEU B 329 -18.61 -19.97 1.21
N ASP B 330 -18.08 -18.86 1.71
CA ASP B 330 -16.68 -18.80 2.15
C ASP B 330 -16.50 -19.61 3.43
N LYS B 331 -16.26 -20.92 3.30
CA LYS B 331 -16.22 -21.82 4.46
C LYS B 331 -14.85 -21.89 5.11
N LEU B 332 -13.77 -21.66 4.36
CA LEU B 332 -12.43 -21.90 4.88
C LEU B 332 -11.65 -20.63 5.17
N ASP B 333 -12.22 -19.45 4.92
CA ASP B 333 -11.50 -18.18 5.02
C ASP B 333 -10.46 -18.04 3.91
N ILE B 334 -10.06 -16.81 3.59
CA ILE B 334 -9.00 -16.59 2.60
C ILE B 334 -7.73 -17.36 2.96
N GLU B 335 -7.46 -17.55 4.27
CA GLU B 335 -6.24 -18.22 4.71
C GLU B 335 -6.24 -19.72 4.36
N GLY B 336 -7.41 -20.32 4.17
CA GLY B 336 -7.52 -21.65 3.62
C GLY B 336 -7.64 -21.63 2.10
N ALA B 337 -8.58 -20.83 1.58
CA ALA B 337 -8.89 -20.82 0.15
C ALA B 337 -7.73 -20.40 -0.74
N ILE B 338 -6.75 -19.65 -0.23
CA ILE B 338 -5.64 -19.21 -1.08
C ILE B 338 -4.72 -20.36 -1.49
N HIS B 339 -4.72 -21.49 -0.75
CA HIS B 339 -3.94 -22.65 -1.20
C HIS B 339 -4.55 -23.27 -2.44
N CYS B 340 -5.89 -23.41 -2.45
CA CYS B 340 -6.56 -23.90 -3.65
C CYS B 340 -6.34 -22.94 -4.83
N TYR B 341 -6.29 -21.63 -4.58
CA TYR B 341 -6.03 -20.68 -5.67
C TYR B 341 -4.73 -21.00 -6.42
N TYR B 342 -3.65 -21.26 -5.68
CA TYR B 342 -2.37 -21.54 -6.35
C TYR B 342 -2.39 -22.86 -7.11
N ASP B 343 -3.13 -23.87 -6.63
CA ASP B 343 -3.33 -25.07 -7.43
C ASP B 343 -4.11 -24.77 -8.71
N ILE B 344 -5.07 -23.86 -8.64
CA ILE B 344 -5.98 -23.62 -9.77
C ILE B 344 -5.25 -22.91 -10.91
N ILE B 345 -4.26 -22.07 -10.60
CA ILE B 345 -3.47 -21.37 -11.60
C ILE B 345 -2.12 -22.05 -11.85
N ASN B 346 -1.94 -23.27 -11.34
CA ASN B 346 -0.77 -24.11 -11.64
C ASN B 346 0.53 -23.43 -11.24
N GLN B 347 0.60 -22.96 -9.99
CA GLN B 347 1.77 -22.26 -9.50
C GLN B 347 2.17 -22.79 -8.13
N PRO B 348 3.42 -23.20 -7.95
CA PRO B 348 3.85 -23.68 -6.62
C PRO B 348 3.44 -22.72 -5.52
N CYS B 349 2.91 -23.28 -4.44
CA CYS B 349 2.30 -22.46 -3.39
C CYS B 349 3.36 -21.75 -2.56
N PRO B 350 3.34 -20.43 -2.49
CA PRO B 350 4.34 -19.72 -1.68
C PRO B 350 3.97 -19.64 -0.21
N ILE B 351 2.67 -19.68 0.10
CA ILE B 351 2.27 -19.63 1.50
C ILE B 351 2.75 -20.86 2.25
N CYS B 352 2.98 -21.97 1.55
CA CYS B 352 3.49 -23.21 2.15
C CYS B 352 5.01 -23.20 2.21
N GLU B 361 -0.32 -26.56 3.22
CA GLU B 361 -1.07 -27.55 3.98
C GLU B 361 -1.20 -28.87 3.24
N LEU B 362 -0.56 -29.91 3.78
CA LEU B 362 -0.59 -31.22 3.16
C LEU B 362 -1.98 -31.85 3.21
N SER B 363 -3.03 -31.02 3.24
CA SER B 363 -4.39 -31.55 3.17
C SER B 363 -5.17 -30.89 2.04
N LEU B 364 -5.18 -29.55 1.99
CA LEU B 364 -5.86 -28.87 0.90
C LEU B 364 -5.21 -29.19 -0.45
N HIS B 365 -3.88 -29.29 -0.49
CA HIS B 365 -3.19 -29.59 -1.75
C HIS B 365 -3.33 -31.03 -2.19
N ALA B 366 -3.88 -31.89 -1.35
CA ALA B 366 -4.17 -33.27 -1.70
C ALA B 366 -5.58 -33.45 -2.25
N LEU B 367 -6.38 -32.39 -2.27
CA LEU B 367 -7.76 -32.48 -2.74
C LEU B 367 -7.79 -32.82 -4.23
N PRO B 368 -8.86 -33.46 -4.71
CA PRO B 368 -9.04 -33.57 -6.16
C PRO B 368 -9.38 -32.21 -6.79
N LEU B 369 -8.93 -32.06 -8.04
CA LEU B 369 -9.09 -30.78 -8.74
C LEU B 369 -10.52 -30.25 -8.70
N ASP B 370 -11.51 -31.14 -8.84
CA ASP B 370 -12.90 -30.70 -8.80
C ASP B 370 -13.22 -29.97 -7.48
N GLU B 371 -12.69 -30.47 -6.36
CA GLU B 371 -12.89 -29.81 -5.06
C GLU B 371 -12.17 -28.46 -5.03
N SER B 372 -10.92 -28.40 -5.48
CA SER B 372 -10.20 -27.13 -5.51
C SER B 372 -10.96 -26.05 -6.28
N LEU B 373 -11.49 -26.42 -7.45
CA LEU B 373 -12.25 -25.47 -8.28
C LEU B 373 -13.54 -25.01 -7.59
N LYS B 374 -14.23 -25.93 -6.91
CA LYS B 374 -15.45 -25.57 -6.19
C LYS B 374 -15.15 -24.58 -5.06
N ILE B 375 -14.10 -24.83 -4.28
CA ILE B 375 -13.73 -23.93 -3.17
C ILE B 375 -13.50 -22.50 -3.66
N VAL B 376 -12.79 -22.35 -4.78
CA VAL B 376 -12.44 -21.01 -5.23
C VAL B 376 -13.66 -20.31 -5.82
N LYS B 377 -14.41 -21.01 -6.67
CA LYS B 377 -15.68 -20.48 -7.17
C LYS B 377 -16.57 -20.00 -6.02
N GLU B 378 -16.81 -20.88 -5.04
CA GLU B 378 -17.65 -20.51 -3.89
C GLU B 378 -17.08 -19.33 -3.11
N TYR B 379 -15.76 -19.23 -3.00
CA TYR B 379 -15.18 -18.04 -2.37
C TYR B 379 -15.54 -16.78 -3.15
N LEU B 380 -15.41 -16.83 -4.49
CA LEU B 380 -15.70 -15.66 -5.31
C LEU B 380 -17.18 -15.30 -5.30
N ILE B 381 -18.07 -16.30 -5.25
CA ILE B 381 -19.50 -16.03 -5.12
C ILE B 381 -19.81 -15.39 -3.76
N ALA B 382 -19.14 -15.86 -2.70
CA ALA B 382 -19.31 -15.22 -1.40
C ALA B 382 -18.85 -13.76 -1.44
N ALA B 383 -17.81 -13.46 -2.20
CA ALA B 383 -17.34 -12.08 -2.27
C ALA B 383 -18.37 -11.14 -2.92
N THR B 384 -19.03 -11.60 -3.99
CA THR B 384 -20.13 -10.83 -4.56
C THR B 384 -21.14 -10.45 -3.48
N ALA B 385 -21.47 -11.41 -2.62
CA ALA B 385 -22.50 -11.22 -1.61
C ALA B 385 -22.02 -10.35 -0.45
N LYS B 386 -20.72 -10.38 -0.10
CA LYS B 386 -20.15 -9.47 0.89
C LYS B 386 -20.01 -8.02 0.41
N ASP B 387 -20.03 -7.76 -0.90
CA ASP B 387 -19.74 -6.43 -1.42
C ASP B 387 -20.93 -5.76 -2.09
N CYS B 388 -22.08 -6.43 -2.18
CA CYS B 388 -23.23 -5.87 -2.86
C CYS B 388 -23.85 -4.78 -1.97
N SER B 389 -24.95 -4.19 -2.44
CA SER B 389 -25.71 -3.21 -1.67
C SER B 389 -27.19 -3.53 -1.76
N ILE B 390 -27.96 -2.86 -0.91
CA ILE B 390 -29.42 -2.95 -0.94
C ILE B 390 -30.02 -1.56 -1.00
N MET B 391 -31.01 -1.36 -1.86
CA MET B 391 -31.75 -0.12 -1.98
C MET B 391 -33.19 -0.37 -1.56
N ILE B 392 -33.67 0.43 -0.62
CA ILE B 392 -35.05 0.40 -0.17
C ILE B 392 -35.69 1.73 -0.57
N SER B 393 -36.75 1.66 -1.37
CA SER B 393 -37.48 2.85 -1.79
C SER B 393 -38.89 2.84 -1.19
N PHE B 394 -39.37 4.04 -0.83
CA PHE B 394 -40.62 4.20 -0.09
C PHE B 394 -41.59 5.13 -0.82
N GLN B 395 -42.88 4.78 -0.75
CA GLN B 395 -43.98 5.59 -1.27
C GLN B 395 -44.96 5.88 -0.14
N SER B 396 -45.23 7.17 0.11
CA SER B 396 -46.15 7.59 1.16
C SER B 396 -47.57 7.63 0.62
N ARG B 397 -48.50 6.99 1.33
CA ARG B 397 -49.88 6.99 0.86
C ARG B 397 -50.58 8.33 1.09
N ASN B 398 -49.89 9.33 1.63
CA ASN B 398 -50.42 10.71 1.67
C ASN B 398 -50.52 11.31 0.28
N ALA B 399 -49.92 10.70 -0.74
CA ALA B 399 -49.93 11.24 -2.09
C ALA B 399 -51.15 10.74 -2.86
N TRP B 400 -51.91 11.67 -3.46
CA TRP B 400 -53.09 11.27 -4.23
C TRP B 400 -52.72 10.32 -5.36
N ASP B 401 -51.49 10.45 -5.87
CA ASP B 401 -50.98 9.69 -7.01
C ASP B 401 -50.69 8.24 -6.65
N SER B 402 -50.64 7.90 -5.36
CA SER B 402 -50.06 6.65 -4.92
C SER B 402 -51.06 5.50 -5.02
N GLU B 403 -50.52 4.30 -5.21
CA GLU B 403 -51.31 3.08 -5.34
C GLU B 403 -50.87 2.07 -4.30
N PRO B 404 -51.79 1.43 -3.59
CA PRO B 404 -51.40 0.49 -2.53
C PRO B 404 -50.84 -0.80 -3.14
N SER B 405 -50.18 -1.57 -2.28
CA SER B 405 -49.68 -2.91 -2.61
C SER B 405 -49.58 -3.71 -1.32
N GLY B 406 -48.86 -4.84 -1.38
CA GLY B 406 -48.75 -5.74 -0.24
C GLY B 406 -47.48 -5.64 0.60
N ASP B 407 -46.51 -4.84 0.18
CA ASP B 407 -45.29 -4.62 0.94
C ASP B 407 -45.36 -3.22 1.55
N TYR B 408 -45.61 -3.13 2.85
CA TYR B 408 -45.80 -1.82 3.46
C TYR B 408 -45.46 -1.88 4.94
N VAL B 409 -45.05 -0.73 5.47
CA VAL B 409 -44.79 -0.54 6.89
C VAL B 409 -45.78 0.50 7.41
N SER B 410 -46.28 0.29 8.62
CA SER B 410 -47.20 1.23 9.26
C SER B 410 -46.53 1.81 10.50
N LEU B 411 -46.21 3.10 10.45
CA LEU B 411 -45.63 3.81 11.58
C LEU B 411 -46.77 4.26 12.49
N LYS B 412 -47.01 3.49 13.55
CA LYS B 412 -48.04 3.87 14.52
C LYS B 412 -47.86 5.28 15.07
N PRO B 413 -46.64 5.77 15.32
CA PRO B 413 -46.49 7.13 15.89
C PRO B 413 -47.20 8.24 15.11
N THR B 414 -47.25 8.17 13.77
CA THR B 414 -47.81 9.27 12.98
C THR B 414 -49.05 8.86 12.18
N ASN B 415 -49.56 7.64 12.35
CA ASN B 415 -50.75 7.21 11.63
C ASN B 415 -50.53 7.31 10.11
N GLN B 416 -49.50 6.61 9.64
CA GLN B 416 -49.11 6.65 8.24
C GLN B 416 -48.76 5.25 7.77
N THR B 417 -48.87 5.05 6.46
CA THR B 417 -48.48 3.82 5.80
C THR B 417 -47.59 4.15 4.61
N PHE B 418 -46.53 3.36 4.44
CA PHE B 418 -45.60 3.51 3.33
C PHE B 418 -45.44 2.17 2.64
N ASP B 419 -45.63 2.15 1.33
CA ASP B 419 -45.24 0.97 0.56
C ASP B 419 -43.75 1.02 0.30
N TYR B 420 -43.13 -0.16 0.18
CA TYR B 420 -41.68 -0.23 0.02
C TYR B 420 -41.29 -1.38 -0.90
N LYS B 421 -40.20 -1.17 -1.64
CA LYS B 421 -39.57 -2.18 -2.45
C LYS B 421 -38.10 -2.29 -2.04
N VAL B 422 -37.53 -3.49 -2.20
CA VAL B 422 -36.15 -3.78 -1.82
C VAL B 422 -35.46 -4.51 -2.97
N HIS B 423 -34.33 -3.97 -3.44
CA HIS B 423 -33.59 -4.55 -4.55
C HIS B 423 -32.10 -4.60 -4.24
N PHE B 424 -31.45 -5.70 -4.62
CA PHE B 424 -30.00 -5.79 -4.59
C PHE B 424 -29.38 -5.05 -5.77
N ILE B 425 -28.22 -4.46 -5.53
CA ILE B 425 -27.46 -3.88 -6.62
C ILE B 425 -26.00 -4.29 -6.48
N ASP B 426 -25.28 -4.18 -7.60
CA ASP B 426 -23.85 -4.43 -7.66
C ASP B 426 -23.52 -5.90 -7.32
N LEU B 427 -24.25 -6.80 -7.95
CA LEU B 427 -24.01 -8.25 -7.80
C LEU B 427 -23.04 -8.73 -8.86
N SER B 428 -21.82 -8.22 -8.83
CA SER B 428 -20.88 -8.39 -9.93
C SER B 428 -19.95 -9.58 -9.69
N LEU B 429 -19.45 -10.13 -10.80
CA LEU B 429 -18.42 -11.19 -10.80
C LEU B 429 -17.06 -10.58 -10.49
N LYS B 430 -16.32 -11.21 -9.56
CA LYS B 430 -14.99 -10.73 -9.17
C LYS B 430 -13.91 -11.42 -10.01
N PRO B 431 -12.85 -10.70 -10.40
CA PRO B 431 -11.75 -11.34 -11.13
C PRO B 431 -11.00 -12.32 -10.24
N LEU B 432 -10.54 -13.42 -10.85
CA LEU B 432 -9.88 -14.46 -10.09
C LEU B 432 -8.56 -13.99 -9.49
N LYS B 433 -7.82 -13.13 -10.21
CA LYS B 433 -6.52 -12.67 -9.69
C LYS B 433 -6.65 -11.81 -8.43
N ARG B 434 -7.85 -11.29 -8.13
CA ARG B 434 -8.03 -10.55 -6.88
C ARG B 434 -7.88 -11.45 -5.66
N MET B 435 -7.92 -12.78 -5.84
CA MET B 435 -7.60 -13.69 -4.74
C MET B 435 -6.32 -13.26 -4.06
N GLU B 436 -5.31 -12.85 -4.85
CA GLU B 436 -4.02 -12.46 -4.27
C GLU B 436 -4.16 -11.19 -3.41
N SER B 437 -4.90 -10.20 -3.90
CA SER B 437 -5.11 -8.97 -3.14
C SER B 437 -5.94 -9.22 -1.89
N TYR B 438 -7.01 -9.98 -2.02
CA TYR B 438 -7.78 -10.41 -0.85
C TYR B 438 -6.87 -10.94 0.26
N TYR B 439 -5.90 -11.79 -0.11
CA TYR B 439 -5.05 -12.42 0.89
C TYR B 439 -4.11 -11.40 1.54
N LYS B 440 -3.49 -10.53 0.74
CA LYS B 440 -2.54 -9.56 1.27
C LYS B 440 -3.25 -8.53 2.14
N LEU B 441 -4.42 -8.05 1.71
CA LEU B 441 -5.16 -7.12 2.55
C LEU B 441 -5.51 -7.77 3.88
N ASP B 442 -6.08 -8.97 3.84
CA ASP B 442 -6.38 -9.70 5.06
C ASP B 442 -5.16 -9.75 5.97
N LYS B 443 -4.00 -10.11 5.41
CA LYS B 443 -2.78 -10.20 6.21
C LYS B 443 -2.46 -8.87 6.89
N LYS B 444 -2.70 -7.76 6.21
CA LYS B 444 -2.42 -6.45 6.79
C LYS B 444 -3.43 -6.06 7.85
N ILE B 445 -4.71 -6.39 7.65
CA ILE B 445 -5.75 -6.02 8.60
C ILE B 445 -5.48 -6.65 9.96
N ILE B 446 -5.18 -7.95 9.98
CA ILE B 446 -5.06 -8.66 11.24
C ILE B 446 -3.76 -8.32 11.94
N SER B 447 -2.66 -8.13 11.18
CA SER B 447 -1.39 -7.83 11.84
C SER B 447 -1.42 -6.42 12.43
N PHE B 448 -1.90 -5.43 11.66
CA PHE B 448 -2.05 -4.10 12.25
C PHE B 448 -2.96 -4.14 13.48
N TYR B 449 -4.05 -4.90 13.41
CA TYR B 449 -4.95 -4.98 14.57
C TYR B 449 -4.26 -5.62 15.76
N ASN B 450 -3.47 -6.68 15.53
CA ASN B 450 -2.69 -7.28 16.61
C ASN B 450 -1.77 -6.25 17.27
N ARG B 451 -1.03 -5.49 16.46
CA ARG B 451 -0.12 -4.49 17.03
C ARG B 451 -0.87 -3.43 17.82
N LYS B 452 -2.03 -2.99 17.33
CA LYS B 452 -2.81 -1.97 18.01
C LYS B 452 -3.32 -2.46 19.36
N GLN B 453 -3.75 -3.72 19.43
CA GLN B 453 -4.26 -4.24 20.69
C GLN B 453 -3.12 -4.64 21.62
N LYS B 454 -2.04 -5.21 21.08
CA LYS B 454 -0.92 -5.57 21.93
C LYS B 454 -0.29 -4.37 22.63
N ALA B 455 -0.50 -3.16 22.09
CA ALA B 455 -0.01 -1.94 22.72
C ALA B 455 -0.80 -1.70 24.01
N GLU B 456 -0.23 -2.11 25.14
CA GLU B 456 -0.85 -1.92 26.45
C GLU B 456 0.06 -2.45 27.56
C13 TIY C . 23.64 9.33 -1.06
C15 TIY C . 24.28 8.98 -2.22
O01 TIY C . 24.22 8.21 -4.47
C02 TIY C . 23.55 8.56 -3.32
C03 TIY C . 22.16 8.50 -3.30
C04 TIY C . 21.52 8.86 -2.12
C05 TIY C . 20.06 8.86 -1.87
C06 TIY C . 19.09 8.52 -2.72
C07 TIY C . 19.16 8.09 -3.98
C08 TIY C . 20.19 7.87 -4.80
C09 TIY C . 21.49 8.02 -4.57
O10 TIY C . 22.16 7.73 -5.54
O11 TIY C . 19.94 7.44 -6.04
C12 TIY C . 22.26 9.27 -1.01
O14 TIY C . 24.38 9.73 0.02
O16 TIY C . 25.64 9.05 -2.24
HO01 TIY C . 24.81 7.47 -4.29
H06 TIY C . 18.10 8.60 -2.31
H07 TIY C . 18.19 7.89 -4.43
H4 TIY C . 18.99 7.34 -6.16
H12 TIY C . 21.75 9.55 -0.10
HO14 TIY C . 24.22 9.14 0.76
HO16 TIY C . 26.00 8.46 -1.56
H05 TIY C . 19.75 9.18 -0.89
PB ADP D . 26.59 8.40 4.19
O1B ADP D . 25.82 7.78 3.02
O2B ADP D . 27.35 9.66 3.89
O3B ADP D . 25.79 8.49 5.46
PA ADP D . 27.48 5.78 4.97
O1A ADP D . 26.51 5.17 3.98
O2A ADP D . 27.18 5.71 6.45
O3A ADP D . 27.75 7.30 4.49
O5' ADP D . 28.92 5.08 4.79
C5' ADP D . 29.70 5.15 3.59
C4' ADP D . 30.33 3.78 3.26
O4' ADP D . 31.24 3.30 4.27
C3' ADP D . 29.28 2.69 3.13
O3' ADP D . 28.70 2.72 1.83
C2' ADP D . 30.03 1.43 3.49
O2' ADP D . 30.75 0.85 2.39
C1' ADP D . 31.07 1.89 4.48
N9 ADP D . 30.54 1.61 5.84
C8 ADP D . 29.70 2.40 6.52
N7 ADP D . 29.39 1.88 7.72
C5 ADP D . 30.06 0.72 7.81
C6 ADP D . 30.15 -0.31 8.85
N6 ADP D . 29.45 -0.12 10.01
N1 ADP D . 30.95 -1.39 8.59
C2 ADP D . 31.63 -1.50 7.42
N3 ADP D . 31.58 -0.59 6.42
C4 ADP D . 30.82 0.53 6.58
H5'1 ADP D . 30.49 5.89 3.71
H5'2 ADP D . 29.07 5.46 2.77
H4' ADP D . 30.86 3.87 2.31
H3' ADP D . 28.50 2.87 3.89
HO3' ADP D . 28.04 2.03 1.77
H2' ADP D . 29.36 0.69 3.96
HO2' ADP D . 30.14 0.61 1.69
H1' ADP D . 32.01 1.35 4.31
H8 ADP D . 29.32 3.35 6.14
HN61 ADP D . 29.49 -0.82 10.74
HN62 ADP D . 28.87 0.70 10.11
H2 ADP D . 32.25 -2.39 7.28
MG MG E . 25.00 5.83 2.43
ZN ZN F . -2.27 21.64 -0.85
C1 EDO G . 24.06 7.00 -9.35
O1 EDO G . 22.99 6.32 -8.67
C2 EDO G . 24.04 8.51 -9.06
O2 EDO G . 24.77 8.79 -7.85
H11 EDO G . 25.01 6.58 -9.03
H12 EDO G . 23.97 6.84 -10.42
HO1 EDO G . 23.03 5.37 -8.88
H21 EDO G . 24.49 9.04 -9.90
H22 EDO G . 23.01 8.84 -8.95
HO2 EDO G . 24.75 9.74 -7.67
C1 EDO H . 6.68 4.87 -4.09
O1 EDO H . 8.10 4.75 -4.18
C2 EDO H . 6.34 6.19 -3.40
O2 EDO H . 4.99 6.17 -2.91
H11 EDO H . 6.25 4.85 -5.09
H12 EDO H . 6.27 4.04 -3.52
HO1 EDO H . 8.33 3.92 -4.62
H21 EDO H . 7.03 6.36 -2.59
H22 EDO H . 6.45 7.01 -4.11
HO2 EDO H . 4.79 7.02 -2.47
C13 TIY I . -13.33 -5.21 -1.27
C15 TIY I . -13.18 -5.08 0.10
O01 TIY I . -13.50 -3.87 2.10
C02 TIY I . -13.67 -3.95 0.74
C03 TIY I . -14.33 -2.93 0.03
C04 TIY I . -14.48 -3.06 -1.35
C05 TIY I . -15.13 -2.10 -2.27
C06 TIY I . -15.70 -0.94 -1.98
C07 TIY I . -15.84 -0.31 -0.81
C08 TIY I . -15.46 -0.68 0.43
C09 TIY I . -14.82 -1.77 0.85
O10 TIY I . -14.60 -1.82 2.05
O11 TIY I . -15.77 0.18 1.38
C12 TIY I . -13.98 -4.20 -1.98
O14 TIY I . -12.85 -6.30 -1.93
O16 TIY I . -12.55 -6.02 0.83
HO01 TIY I . -12.56 -3.89 2.30
H06 TIY I . -16.12 -0.41 -2.83
H07 TIY I . -16.36 0.62 -0.86
H4 TIY I . -16.34 -0.25 2.03
H12 TIY I . -14.09 -4.30 -3.05
HO14 TIY I . -12.43 -6.89 -1.30
HO16 TIY I . -11.64 -6.12 0.52
H05 TIY I . -15.14 -2.39 -3.31
PB ADP J . -19.76 0.03 -8.91
O1B ADP J . -18.69 0.86 -9.55
O2B ADP J . -19.94 -1.32 -9.57
O3B ADP J . -19.74 -0.02 -7.40
PA ADP J . -22.51 0.45 -8.62
O1A ADP J . -23.22 -0.48 -9.60
O2A ADP J . -22.33 0.08 -7.17
O3A ADP J . -21.09 0.85 -9.23
O5' ADP J . -23.23 1.90 -8.67
C5' ADP J . -22.65 3.06 -8.09
C4' ADP J . -23.76 3.87 -7.44
O4' ADP J . -24.80 4.18 -8.37
C3' ADP J . -24.46 3.06 -6.34
O3' ADP J . -23.76 3.16 -5.09
C2' ADP J . -25.85 3.66 -6.33
O2' ADP J . -25.97 4.83 -5.50
C1' ADP J . -26.09 4.05 -7.77
N9 ADP J . -26.87 2.99 -8.44
C8 ADP J . -26.37 1.88 -9.03
N7 ADP J . -27.34 1.12 -9.56
C5 ADP J . -28.51 1.75 -9.31
C6 ADP J . -29.94 1.49 -9.59
N6 ADP J . -30.29 0.38 -10.26
N1 ADP J . -30.86 2.39 -9.17
C2 ADP J . -30.49 3.50 -8.50
N3 ADP J . -29.21 3.80 -8.22
C4 ADP J . -28.19 2.98 -8.58
H5'1 ADP J . -22.17 3.67 -8.87
H5'2 ADP J . -21.90 2.78 -7.35
H4' ADP J . -23.35 4.79 -7.01
H3' ADP J . -24.52 2.02 -6.65
HO3' ADP J . -24.22 2.64 -4.42
H2' ADP J . -26.59 2.90 -6.02
HO2' ADP J . -25.76 4.61 -4.58
H1' ADP J . -26.62 5.01 -7.80
H8 ADP J . -25.31 1.64 -9.07
HN61 ADP J . -31.26 0.19 -10.46
HN62 ADP J . -29.58 -0.28 -10.57
H2 ADP J . -31.26 4.19 -8.18
MG MG K . -18.40 -3.61 -8.44
MG MG L . -21.02 -0.67 -5.47
ZN ZN M . -0.12 -24.00 0.11
C TRS N . -4.08 -30.67 -7.04
C1 TRS N . -3.90 -29.76 -8.26
C2 TRS N . -4.53 -32.05 -7.51
C3 TRS N . -5.14 -30.06 -6.13
N TRS N . -2.83 -30.77 -6.28
O1 TRS N . -3.11 -30.44 -9.22
O2 TRS N . -4.58 -32.97 -6.45
O3 TRS N . -6.30 -29.88 -6.92
H11 TRS N . -3.39 -28.84 -7.96
H12 TRS N . -4.87 -29.50 -8.68
H21 TRS N . -3.84 -32.42 -8.28
H22 TRS N . -5.52 -31.98 -7.96
H31 TRS N . -5.36 -30.74 -5.30
H32 TRS N . -4.80 -29.11 -5.73
HN1 TRS N . -2.48 -29.87 -5.95
HN2 TRS N . -2.11 -31.34 -6.73
HN3 TRS N . -3.08 -31.27 -5.44
HO1 TRS N . -2.99 -29.86 -10.01
HO2 TRS N . -4.31 -32.53 -5.62
HO3 TRS N . -7.01 -29.50 -6.37
C1 EDO O . -13.76 -14.31 6.86
O1 EDO O . -13.85 -15.68 6.47
C2 EDO O . -15.14 -13.78 7.21
O2 EDO O . -15.12 -12.36 7.07
H11 EDO O . -13.10 -14.21 7.73
H12 EDO O . -13.34 -13.71 6.04
HO1 EDO O . -12.97 -16.01 6.26
H21 EDO O . -15.88 -14.21 6.53
H22 EDO O . -15.41 -14.06 8.23
HO2 EDO O . -15.99 -11.99 7.29
C1 EDO P . -34.76 20.79 13.47
O1 EDO P . -35.59 21.77 12.82
C2 EDO P . -34.65 21.13 14.95
O2 EDO P . -35.95 21.21 15.55
H11 EDO P . -35.19 19.80 13.34
H12 EDO P . -33.76 20.80 13.02
HO1 EDO P . -35.66 21.55 11.87
H21 EDO P . -34.06 20.36 15.46
H22 EDO P . -34.13 22.09 15.08
HO2 EDO P . -35.87 21.42 16.48
C1 EDO Q . -8.30 -29.70 9.31
O1 EDO Q . -6.99 -29.89 8.73
C2 EDO Q . -9.36 -30.09 8.30
O2 EDO Q . -8.82 -29.83 6.98
H11 EDO Q . -8.39 -30.33 10.20
H12 EDO Q . -8.42 -28.66 9.60
HO1 EDO Q . -6.32 -29.66 9.37
H21 EDO Q . -9.60 -31.15 8.40
H22 EDO Q . -10.25 -29.50 8.45
HO2 EDO Q . -9.49 -30.07 6.32
C1 EDO R . -13.83 4.13 2.29
O1 EDO R . -12.55 3.60 2.69
C2 EDO R . -14.88 3.73 3.34
O2 EDO R . -14.78 2.33 3.64
H11 EDO R . -13.78 5.21 2.23
H12 EDO R . -14.11 3.74 1.32
HO1 EDO R . -11.89 3.86 2.03
H21 EDO R . -14.72 4.31 4.25
H22 EDO R . -15.88 3.96 2.95
HO2 EDO R . -15.46 2.09 4.29
#